data_3NII
# 
_entry.id   3NII 
# 
_audit_conform.dict_name       mmcif_pdbx.dic 
_audit_conform.dict_version    5.397 
_audit_conform.dict_location   http://mmcif.pdb.org/dictionaries/ascii/mmcif_pdbx.dic 
# 
loop_
_database_2.database_id 
_database_2.database_code 
_database_2.pdbx_database_accession 
_database_2.pdbx_DOI 
PDB   3NII         pdb_00003nii 10.2210/pdb3nii/pdb 
RCSB  RCSB059871   ?            ?                   
WWPDB D_1000059871 ?            ?                   
# 
loop_
_pdbx_audit_revision_history.ordinal 
_pdbx_audit_revision_history.data_content_type 
_pdbx_audit_revision_history.major_revision 
_pdbx_audit_revision_history.minor_revision 
_pdbx_audit_revision_history.revision_date 
1 'Structure model' 1 0 2010-09-15 
2 'Structure model' 1 1 2011-07-13 
3 'Structure model' 1 2 2017-11-08 
4 'Structure model' 1 3 2023-11-01 
5 'Structure model' 1 4 2024-10-16 
# 
_pdbx_audit_revision_details.ordinal             1 
_pdbx_audit_revision_details.revision_ordinal    1 
_pdbx_audit_revision_details.data_content_type   'Structure model' 
_pdbx_audit_revision_details.provider            repository 
_pdbx_audit_revision_details.type                'Initial release' 
_pdbx_audit_revision_details.description         ? 
_pdbx_audit_revision_details.details             ? 
# 
loop_
_pdbx_audit_revision_group.ordinal 
_pdbx_audit_revision_group.revision_ordinal 
_pdbx_audit_revision_group.data_content_type 
_pdbx_audit_revision_group.group 
1 2 'Structure model' 'Version format compliance' 
2 3 'Structure model' 'Refinement description'    
3 4 'Structure model' 'Data collection'           
4 4 'Structure model' 'Database references'       
5 4 'Structure model' 'Derived calculations'      
6 4 'Structure model' 'Refinement description'    
7 5 'Structure model' 'Structure summary'         
# 
loop_
_pdbx_audit_revision_category.ordinal 
_pdbx_audit_revision_category.revision_ordinal 
_pdbx_audit_revision_category.data_content_type 
_pdbx_audit_revision_category.category 
1  3 'Structure model' software                      
2  4 'Structure model' chem_comp_atom                
3  4 'Structure model' chem_comp_bond                
4  4 'Structure model' database_2                    
5  4 'Structure model' pdbx_initial_refinement_model 
6  4 'Structure model' pdbx_struct_conn_angle        
7  4 'Structure model' struct_conn                   
8  4 'Structure model' struct_ref_seq_dif            
9  4 'Structure model' struct_site                   
10 5 'Structure model' pdbx_entry_details            
11 5 'Structure model' pdbx_modification_feature     
# 
loop_
_pdbx_audit_revision_item.ordinal 
_pdbx_audit_revision_item.revision_ordinal 
_pdbx_audit_revision_item.data_content_type 
_pdbx_audit_revision_item.item 
1  4 'Structure model' '_database_2.pdbx_DOI'                        
2  4 'Structure model' '_database_2.pdbx_database_accession'         
3  4 'Structure model' '_pdbx_struct_conn_angle.ptnr1_auth_comp_id'  
4  4 'Structure model' '_pdbx_struct_conn_angle.ptnr1_auth_seq_id'   
5  4 'Structure model' '_pdbx_struct_conn_angle.ptnr1_label_atom_id' 
6  4 'Structure model' '_pdbx_struct_conn_angle.ptnr1_label_comp_id' 
7  4 'Structure model' '_pdbx_struct_conn_angle.ptnr1_label_seq_id'  
8  4 'Structure model' '_pdbx_struct_conn_angle.ptnr2_auth_seq_id'   
9  4 'Structure model' '_pdbx_struct_conn_angle.ptnr2_label_asym_id' 
10 4 'Structure model' '_pdbx_struct_conn_angle.ptnr3_auth_comp_id'  
11 4 'Structure model' '_pdbx_struct_conn_angle.ptnr3_auth_seq_id'   
12 4 'Structure model' '_pdbx_struct_conn_angle.ptnr3_label_atom_id' 
13 4 'Structure model' '_pdbx_struct_conn_angle.ptnr3_label_comp_id' 
14 4 'Structure model' '_pdbx_struct_conn_angle.ptnr3_label_seq_id'  
15 4 'Structure model' '_pdbx_struct_conn_angle.value'               
16 4 'Structure model' '_struct_conn.pdbx_dist_value'                
17 4 'Structure model' '_struct_conn.ptnr1_auth_comp_id'             
18 4 'Structure model' '_struct_conn.ptnr1_auth_seq_id'              
19 4 'Structure model' '_struct_conn.ptnr1_label_asym_id'            
20 4 'Structure model' '_struct_conn.ptnr1_label_atom_id'            
21 4 'Structure model' '_struct_conn.ptnr1_label_comp_id'            
22 4 'Structure model' '_struct_conn.ptnr1_label_seq_id'             
23 4 'Structure model' '_struct_conn.ptnr2_auth_comp_id'             
24 4 'Structure model' '_struct_conn.ptnr2_auth_seq_id'              
25 4 'Structure model' '_struct_conn.ptnr2_label_asym_id'            
26 4 'Structure model' '_struct_conn.ptnr2_label_atom_id'            
27 4 'Structure model' '_struct_conn.ptnr2_label_comp_id'            
28 4 'Structure model' '_struct_conn.ptnr2_label_seq_id'             
29 4 'Structure model' '_struct_ref_seq_dif.details'                 
30 4 'Structure model' '_struct_site.pdbx_auth_asym_id'              
31 4 'Structure model' '_struct_site.pdbx_auth_comp_id'              
32 4 'Structure model' '_struct_site.pdbx_auth_seq_id'               
# 
_pdbx_database_status.entry_id                        3NII 
_pdbx_database_status.status_code                     REL 
_pdbx_database_status.deposit_site                    RCSB 
_pdbx_database_status.process_site                    PDBJ 
_pdbx_database_status.recvd_initial_deposition_date   2010-06-16 
_pdbx_database_status.status_code_sf                  REL 
_pdbx_database_status.status_code_mr                  ? 
_pdbx_database_status.SG_entry                        ? 
_pdbx_database_status.pdb_format_compatible           Y 
_pdbx_database_status.status_code_cs                  ? 
_pdbx_database_status.methods_development_category    ? 
_pdbx_database_status.status_code_nmr_data            ? 
# 
loop_
_pdbx_database_related.db_name 
_pdbx_database_related.db_id 
_pdbx_database_related.details 
_pdbx_database_related.content_type 
PDB 3NIH 'UBR box (RIAAA)'   unspecified 
PDB 3NIJ 'UBR box (HIAA)'    unspecified 
PDB 3NIK 'UBR box (REAA)'    unspecified 
PDB 3NIL 'UBR box (RDAA)'    unspecified 
PDB 3NIM 'UBR box (RRAA)'    unspecified 
PDB 3NIN 'UBR box (RLGES)'   unspecified 
PDB 3NIS 'UBR box (native2)' unspecified 
PDB 3NIT 'UBR box (native1)' unspecified 
# 
loop_
_audit_author.name 
_audit_author.pdbx_ordinal 
'Choi, W.S.'   1 
'Jeong, B.-C.' 2 
'Lee, M.-R.'   3 
'Song, H.K.'   4 
# 
_citation.id                        primary 
_citation.title                     
'Structural basis for the recognition of N-end rule substrates by the UBR box of ubiquitin ligases' 
_citation.journal_abbrev            Nat.Struct.Mol.Biol. 
_citation.journal_volume            17 
_citation.page_first                1175 
_citation.page_last                 1181 
_citation.year                      2010 
_citation.journal_id_ASTM           ? 
_citation.country                   US 
_citation.journal_id_ISSN           1545-9993 
_citation.journal_id_CSD            ? 
_citation.book_publisher            ? 
_citation.pdbx_database_id_PubMed   20835240 
_citation.pdbx_database_id_DOI      10.1038/nsmb.1907 
# 
loop_
_citation_author.citation_id 
_citation_author.name 
_citation_author.ordinal 
_citation_author.identifier_ORCID 
primary 'Choi, W.S.'   1 ? 
primary 'Jeong, B.-C.' 2 ? 
primary 'Joo, Y.J.'    3 ? 
primary 'Lee, M.-R.'   4 ? 
primary 'Kim, J.'      5 ? 
primary 'Eck, M.J.'    6 ? 
primary 'Song, H.K.'   7 ? 
# 
loop_
_entity.id 
_entity.type 
_entity.src_method 
_entity.pdbx_description 
_entity.formula_weight 
_entity.pdbx_number_of_molecules 
_entity.pdbx_ec 
_entity.pdbx_mutation 
_entity.pdbx_fragment 
_entity.details 
1 polymer     man 'E3 ubiquitin-protein ligase UBR1' 9236.394 1  ? ? 'UBR-type domain, residues 115-194' 'UBR box' 
2 polymer     syn 'Peptide KIAA'                     402.508  1  ? ? ?                                   ?         
3 non-polymer syn 'ZINC ION'                         65.409   3  ? ? ?                                   ?         
4 water       nat water                              18.015   22 ? ? ?                                   ?         
# 
_entity_name_com.entity_id   1 
_entity_name_com.name        'N-recognin-1, N-end-recognizing protein' 
# 
loop_
_entity_poly.entity_id 
_entity_poly.type 
_entity_poly.nstd_linkage 
_entity_poly.nstd_monomer 
_entity_poly.pdbx_seq_one_letter_code 
_entity_poly.pdbx_seq_one_letter_code_can 
_entity_poly.pdbx_strand_id 
_entity_poly.pdbx_target_identifier 
1 'polypeptide(L)' no no 
;GSVHKHTGRNCGRKFKIGEPLYRCHECGCDDTCVLCIHCFNPKDHVNHHVCTDICTEFTSGICDCGDEEAWNSPLHCKAE
EQ
;
;GSVHKHTGRNCGRKFKIGEPLYRCHECGCDDTCVLCIHCFNPKDHVNHHVCTDICTEFTSGICDCGDEEAWNSPLHCKAE
EQ
;
A ? 
2 'polypeptide(L)' no no KIAA                                                                                  KIAA B ? 
# 
loop_
_pdbx_entity_nonpoly.entity_id 
_pdbx_entity_nonpoly.name 
_pdbx_entity_nonpoly.comp_id 
3 'ZINC ION' ZN  
4 water      HOH 
# 
loop_
_entity_poly_seq.entity_id 
_entity_poly_seq.num 
_entity_poly_seq.mon_id 
_entity_poly_seq.hetero 
1 1  GLY n 
1 2  SER n 
1 3  VAL n 
1 4  HIS n 
1 5  LYS n 
1 6  HIS n 
1 7  THR n 
1 8  GLY n 
1 9  ARG n 
1 10 ASN n 
1 11 CYS n 
1 12 GLY n 
1 13 ARG n 
1 14 LYS n 
1 15 PHE n 
1 16 LYS n 
1 17 ILE n 
1 18 GLY n 
1 19 GLU n 
1 20 PRO n 
1 21 LEU n 
1 22 TYR n 
1 23 ARG n 
1 24 CYS n 
1 25 HIS n 
1 26 GLU n 
1 27 CYS n 
1 28 GLY n 
1 29 CYS n 
1 30 ASP n 
1 31 ASP n 
1 32 THR n 
1 33 CYS n 
1 34 VAL n 
1 35 LEU n 
1 36 CYS n 
1 37 ILE n 
1 38 HIS n 
1 39 CYS n 
1 40 PHE n 
1 41 ASN n 
1 42 PRO n 
1 43 LYS n 
1 44 ASP n 
1 45 HIS n 
1 46 VAL n 
1 47 ASN n 
1 48 HIS n 
1 49 HIS n 
1 50 VAL n 
1 51 CYS n 
1 52 THR n 
1 53 ASP n 
1 54 ILE n 
1 55 CYS n 
1 56 THR n 
1 57 GLU n 
1 58 PHE n 
1 59 THR n 
1 60 SER n 
1 61 GLY n 
1 62 ILE n 
1 63 CYS n 
1 64 ASP n 
1 65 CYS n 
1 66 GLY n 
1 67 ASP n 
1 68 GLU n 
1 69 GLU n 
1 70 ALA n 
1 71 TRP n 
1 72 ASN n 
1 73 SER n 
1 74 PRO n 
1 75 LEU n 
1 76 HIS n 
1 77 CYS n 
1 78 LYS n 
1 79 ALA n 
1 80 GLU n 
1 81 GLU n 
1 82 GLN n 
2 1  LYS n 
2 2  ILE n 
2 3  ALA n 
2 4  ALA n 
# 
_entity_src_gen.entity_id                          1 
_entity_src_gen.pdbx_src_id                        1 
_entity_src_gen.pdbx_alt_source_flag               sample 
_entity_src_gen.pdbx_seq_type                      ? 
_entity_src_gen.pdbx_beg_seq_num                   ? 
_entity_src_gen.pdbx_end_seq_num                   ? 
_entity_src_gen.gene_src_common_name               
;Baker's yeast
;
_entity_src_gen.gene_src_genus                     ? 
_entity_src_gen.pdbx_gene_src_gene                 ? 
_entity_src_gen.gene_src_species                   ? 
_entity_src_gen.gene_src_strain                    ? 
_entity_src_gen.gene_src_tissue                    ? 
_entity_src_gen.gene_src_tissue_fraction           ? 
_entity_src_gen.gene_src_details                   ? 
_entity_src_gen.pdbx_gene_src_fragment             ? 
_entity_src_gen.pdbx_gene_src_scientific_name      'Saccharomyces cerevisiae' 
_entity_src_gen.pdbx_gene_src_ncbi_taxonomy_id     4932 
_entity_src_gen.pdbx_gene_src_variant              ? 
_entity_src_gen.pdbx_gene_src_cell_line            ? 
_entity_src_gen.pdbx_gene_src_atcc                 ? 
_entity_src_gen.pdbx_gene_src_organ                ? 
_entity_src_gen.pdbx_gene_src_organelle            ? 
_entity_src_gen.pdbx_gene_src_cell                 ? 
_entity_src_gen.pdbx_gene_src_cellular_location    ? 
_entity_src_gen.host_org_common_name               ? 
_entity_src_gen.pdbx_host_org_scientific_name      'Escherichia coli' 
_entity_src_gen.pdbx_host_org_ncbi_taxonomy_id     469008 
_entity_src_gen.host_org_genus                     ? 
_entity_src_gen.pdbx_host_org_gene                 ? 
_entity_src_gen.pdbx_host_org_organ                ? 
_entity_src_gen.host_org_species                   ? 
_entity_src_gen.pdbx_host_org_tissue               ? 
_entity_src_gen.pdbx_host_org_tissue_fraction      ? 
_entity_src_gen.pdbx_host_org_strain               'BL21(DE3) RIL' 
_entity_src_gen.pdbx_host_org_variant              ? 
_entity_src_gen.pdbx_host_org_cell_line            ? 
_entity_src_gen.pdbx_host_org_atcc                 ? 
_entity_src_gen.pdbx_host_org_culture_collection   ? 
_entity_src_gen.pdbx_host_org_cell                 ? 
_entity_src_gen.pdbx_host_org_organelle            ? 
_entity_src_gen.pdbx_host_org_cellular_location    ? 
_entity_src_gen.pdbx_host_org_vector_type          plasmid 
_entity_src_gen.pdbx_host_org_vector               ? 
_entity_src_gen.host_org_details                   ? 
_entity_src_gen.expression_system_id               ? 
_entity_src_gen.plasmid_name                       pET 
_entity_src_gen.plasmid_details                    ? 
_entity_src_gen.pdbx_description                   ? 
# 
_pdbx_entity_src_syn.entity_id              2 
_pdbx_entity_src_syn.pdbx_src_id            1 
_pdbx_entity_src_syn.pdbx_alt_source_flag   sample 
_pdbx_entity_src_syn.pdbx_beg_seq_num       ? 
_pdbx_entity_src_syn.pdbx_end_seq_num       ? 
_pdbx_entity_src_syn.organism_scientific    ? 
_pdbx_entity_src_syn.organism_common_name   ? 
_pdbx_entity_src_syn.ncbi_taxonomy_id       ? 
_pdbx_entity_src_syn.details                'chemical synthesis' 
# 
loop_
_chem_comp.id 
_chem_comp.type 
_chem_comp.mon_nstd_flag 
_chem_comp.name 
_chem_comp.pdbx_synonyms 
_chem_comp.formula 
_chem_comp.formula_weight 
ALA 'L-peptide linking' y ALANINE         ? 'C3 H7 N O2'     89.093  
ARG 'L-peptide linking' y ARGININE        ? 'C6 H15 N4 O2 1' 175.209 
ASN 'L-peptide linking' y ASPARAGINE      ? 'C4 H8 N2 O3'    132.118 
ASP 'L-peptide linking' y 'ASPARTIC ACID' ? 'C4 H7 N O4'     133.103 
CYS 'L-peptide linking' y CYSTEINE        ? 'C3 H7 N O2 S'   121.158 
GLN 'L-peptide linking' y GLUTAMINE       ? 'C5 H10 N2 O3'   146.144 
GLU 'L-peptide linking' y 'GLUTAMIC ACID' ? 'C5 H9 N O4'     147.129 
GLY 'peptide linking'   y GLYCINE         ? 'C2 H5 N O2'     75.067  
HIS 'L-peptide linking' y HISTIDINE       ? 'C6 H10 N3 O2 1' 156.162 
HOH non-polymer         . WATER           ? 'H2 O'           18.015  
ILE 'L-peptide linking' y ISOLEUCINE      ? 'C6 H13 N O2'    131.173 
LEU 'L-peptide linking' y LEUCINE         ? 'C6 H13 N O2'    131.173 
LYS 'L-peptide linking' y LYSINE          ? 'C6 H15 N2 O2 1' 147.195 
PHE 'L-peptide linking' y PHENYLALANINE   ? 'C9 H11 N O2'    165.189 
PRO 'L-peptide linking' y PROLINE         ? 'C5 H9 N O2'     115.130 
SER 'L-peptide linking' y SERINE          ? 'C3 H7 N O3'     105.093 
THR 'L-peptide linking' y THREONINE       ? 'C4 H9 N O3'     119.119 
TRP 'L-peptide linking' y TRYPTOPHAN      ? 'C11 H12 N2 O2'  204.225 
TYR 'L-peptide linking' y TYROSINE        ? 'C9 H11 N O3'    181.189 
VAL 'L-peptide linking' y VALINE          ? 'C5 H11 N O2'    117.146 
ZN  non-polymer         . 'ZINC ION'      ? 'Zn 2'           65.409  
# 
loop_
_pdbx_poly_seq_scheme.asym_id 
_pdbx_poly_seq_scheme.entity_id 
_pdbx_poly_seq_scheme.seq_id 
_pdbx_poly_seq_scheme.mon_id 
_pdbx_poly_seq_scheme.ndb_seq_num 
_pdbx_poly_seq_scheme.pdb_seq_num 
_pdbx_poly_seq_scheme.auth_seq_num 
_pdbx_poly_seq_scheme.pdb_mon_id 
_pdbx_poly_seq_scheme.auth_mon_id 
_pdbx_poly_seq_scheme.pdb_strand_id 
_pdbx_poly_seq_scheme.pdb_ins_code 
_pdbx_poly_seq_scheme.hetero 
A 1 1  GLY 1  113 ?   ?   ?   A . n 
A 1 2  SER 2  114 ?   ?   ?   A . n 
A 1 3  VAL 3  115 115 VAL VAL A . n 
A 1 4  HIS 4  116 116 HIS HIS A . n 
A 1 5  LYS 5  117 117 LYS LYS A . n 
A 1 6  HIS 6  118 118 HIS HIS A . n 
A 1 7  THR 7  119 119 THR THR A . n 
A 1 8  GLY 8  120 120 GLY GLY A . n 
A 1 9  ARG 9  121 121 ARG ARG A . n 
A 1 10 ASN 10 122 122 ASN ASN A . n 
A 1 11 CYS 11 123 123 CYS CYS A . n 
A 1 12 GLY 12 124 124 GLY GLY A . n 
A 1 13 ARG 13 125 125 ARG ARG A . n 
A 1 14 LYS 14 126 126 LYS LYS A . n 
A 1 15 PHE 15 127 127 PHE PHE A . n 
A 1 16 LYS 16 128 128 LYS LYS A . n 
A 1 17 ILE 17 129 129 ILE ILE A . n 
A 1 18 GLY 18 130 130 GLY GLY A . n 
A 1 19 GLU 19 131 131 GLU GLU A . n 
A 1 20 PRO 20 132 132 PRO PRO A . n 
A 1 21 LEU 21 133 133 LEU LEU A . n 
A 1 22 TYR 22 134 134 TYR TYR A . n 
A 1 23 ARG 23 135 135 ARG ARG A . n 
A 1 24 CYS 24 136 136 CYS CYS A . n 
A 1 25 HIS 25 137 137 HIS HIS A . n 
A 1 26 GLU 26 138 138 GLU GLU A . n 
A 1 27 CYS 27 139 139 CYS CYS A . n 
A 1 28 GLY 28 140 140 GLY GLY A . n 
A 1 29 CYS 29 141 141 CYS CYS A . n 
A 1 30 ASP 30 142 142 ASP ASP A . n 
A 1 31 ASP 31 143 143 ASP ASP A . n 
A 1 32 THR 32 144 144 THR THR A . n 
A 1 33 CYS 33 145 145 CYS CYS A . n 
A 1 34 VAL 34 146 146 VAL VAL A . n 
A 1 35 LEU 35 147 147 LEU LEU A . n 
A 1 36 CYS 36 148 148 CYS CYS A . n 
A 1 37 ILE 37 149 149 ILE ILE A . n 
A 1 38 HIS 38 150 150 HIS HIS A . n 
A 1 39 CYS 39 151 151 CYS CYS A . n 
A 1 40 PHE 40 152 152 PHE PHE A . n 
A 1 41 ASN 41 153 153 ASN ASN A . n 
A 1 42 PRO 42 154 154 PRO PRO A . n 
A 1 43 LYS 43 155 155 LYS LYS A . n 
A 1 44 ASP 44 156 156 ASP ASP A . n 
A 1 45 HIS 45 157 157 HIS HIS A . n 
A 1 46 VAL 46 158 158 VAL VAL A . n 
A 1 47 ASN 47 159 159 ASN ASN A . n 
A 1 48 HIS 48 160 160 HIS HIS A . n 
A 1 49 HIS 49 161 161 HIS HIS A . n 
A 1 50 VAL 50 162 162 VAL VAL A . n 
A 1 51 CYS 51 163 163 CYS CYS A . n 
A 1 52 THR 52 164 164 THR THR A . n 
A 1 53 ASP 53 165 165 ASP ASP A . n 
A 1 54 ILE 54 166 166 ILE ILE A . n 
A 1 55 CYS 55 167 167 CYS CYS A . n 
A 1 56 THR 56 168 168 THR THR A . n 
A 1 57 GLU 57 169 169 GLU GLU A . n 
A 1 58 PHE 58 170 170 PHE PHE A . n 
A 1 59 THR 59 171 171 THR THR A . n 
A 1 60 SER 60 172 172 SER SER A . n 
A 1 61 GLY 61 173 173 GLY GLY A . n 
A 1 62 ILE 62 174 174 ILE ILE A . n 
A 1 63 CYS 63 175 175 CYS CYS A . n 
A 1 64 ASP 64 176 176 ASP ASP A . n 
A 1 65 CYS 65 177 177 CYS CYS A . n 
A 1 66 GLY 66 178 178 GLY GLY A . n 
A 1 67 ASP 67 179 179 ASP ASP A . n 
A 1 68 GLU 68 180 180 GLU GLU A . n 
A 1 69 GLU 69 181 181 GLU GLU A . n 
A 1 70 ALA 70 182 182 ALA ALA A . n 
A 1 71 TRP 71 183 183 TRP TRP A . n 
A 1 72 ASN 72 184 184 ASN ASN A . n 
A 1 73 SER 73 185 185 SER SER A . n 
A 1 74 PRO 74 186 186 PRO PRO A . n 
A 1 75 LEU 75 187 187 LEU LEU A . n 
A 1 76 HIS 76 188 188 HIS HIS A . n 
A 1 77 CYS 77 189 189 CYS CYS A . n 
A 1 78 LYS 78 190 190 LYS LYS A . n 
A 1 79 ALA 79 191 191 ALA ALA A . n 
A 1 80 GLU 80 192 192 GLU GLU A . n 
A 1 81 GLU 81 193 193 GLU GLU A . n 
A 1 82 GLN 82 194 ?   ?   ?   A . n 
B 2 1  LYS 1  1   1   LYS LYS B . n 
B 2 2  ILE 2  2   2   ILE ILE B . n 
B 2 3  ALA 3  3   3   ALA ALA B . n 
B 2 4  ALA 4  4   ?   ?   ?   B . n 
# 
loop_
_pdbx_nonpoly_scheme.asym_id 
_pdbx_nonpoly_scheme.entity_id 
_pdbx_nonpoly_scheme.mon_id 
_pdbx_nonpoly_scheme.ndb_seq_num 
_pdbx_nonpoly_scheme.pdb_seq_num 
_pdbx_nonpoly_scheme.auth_seq_num 
_pdbx_nonpoly_scheme.pdb_mon_id 
_pdbx_nonpoly_scheme.auth_mon_id 
_pdbx_nonpoly_scheme.pdb_strand_id 
_pdbx_nonpoly_scheme.pdb_ins_code 
C 3 ZN  1  1   1  ZN  ZN  A . 
D 3 ZN  1  2   2  ZN  ZN  A . 
E 3 ZN  1  3   3  ZN  ZN  A . 
F 4 HOH 1  4   4  HOH HOH A . 
F 4 HOH 2  5   5  HOH HOH A . 
F 4 HOH 3  6   6  HOH HOH A . 
F 4 HOH 4  7   7  HOH HOH A . 
F 4 HOH 5  8   8  HOH HOH A . 
F 4 HOH 6  9   9  HOH HOH A . 
F 4 HOH 7  10  10 HOH HOH A . 
F 4 HOH 8  11  11 HOH HOH A . 
F 4 HOH 9  12  12 HOH HOH A . 
F 4 HOH 10 13  13 HOH HOH A . 
F 4 HOH 11 14  14 HOH HOH A . 
F 4 HOH 12 15  15 HOH HOH A . 
F 4 HOH 13 16  16 HOH HOH A . 
F 4 HOH 14 17  17 HOH HOH A . 
F 4 HOH 15 18  18 HOH HOH A . 
F 4 HOH 16 19  19 HOH HOH A . 
F 4 HOH 17 20  20 HOH HOH A . 
F 4 HOH 18 21  21 HOH HOH A . 
F 4 HOH 19 22  22 HOH HOH A . 
F 4 HOH 20 195 1  HOH HOH A . 
F 4 HOH 21 196 2  HOH HOH A . 
F 4 HOH 22 197 3  HOH HOH A . 
# 
loop_
_software.pdbx_ordinal 
_software.name 
_software.version 
_software.date 
_software.type 
_software.contact_author 
_software.contact_author_email 
_software.classification 
_software.location 
_software.language 
_software.citation_id 
1 DENZO       .        ?               package 'Zbyszek Otwinowski' hkl@hkl-xray.com         'data reduction'  
http://www.hkl-xray.com/                     ?          ? 
2 SCALEPACK   .        ?               package 'Zbyszek Otwinowski' hkl@hkl-xray.com         'data scaling'    
http://www.hkl-xray.com/                     ?          ? 
3 REFMAC      5.2.0019 ?               program 'Garib N. Murshudov' garib@ysbl.york.ac.uk    refinement        
http://www.ccp4.ac.uk/dist/html/refmac5.html Fortran_77 ? 
4 PDB_EXTRACT 3.10     'June 10, 2010' package PDB                  deposit@deposit.rcsb.org 'data extraction' 
http://sw-tools.pdb.org/apps/PDB_EXTRACT/    C++        ? 
5 HKL-2000    .        ?               ?       ?                    ?                        'data collection' ? ?          ? 
6 HKL-2000    .        ?               ?       ?                    ?                        'data reduction'  ? ?          ? 
7 HKL-2000    .        ?               ?       ?                    ?                        'data scaling'    ? ?          ? 
8 MOLREP      .        ?               ?       ?                    ?                        phasing           ? ?          ? 
# 
_cell.length_a           58.153 
_cell.length_b           58.153 
_cell.length_c           110.856 
_cell.angle_alpha        90.000 
_cell.angle_beta         90.000 
_cell.angle_gamma        120.000 
_cell.entry_id           3NII 
_cell.pdbx_unique_axis   ? 
_cell.Z_PDB              12 
_cell.length_a_esd       ? 
_cell.length_b_esd       ? 
_cell.length_c_esd       ? 
_cell.angle_alpha_esd    ? 
_cell.angle_beta_esd     ? 
_cell.angle_gamma_esd    ? 
# 
_symmetry.space_group_name_H-M             'P 61 2 2' 
_symmetry.entry_id                         3NII 
_symmetry.Int_Tables_number                178 
_symmetry.pdbx_full_space_group_name_H-M   ? 
_symmetry.cell_setting                     ? 
_symmetry.space_group_name_Hall            ? 
# 
_exptl.crystals_number   1 
_exptl.entry_id          3NII 
_exptl.method            'X-RAY DIFFRACTION' 
# 
_exptl_crystal.id                    1 
_exptl_crystal.pdbx_mosaicity        0.554 
_exptl_crystal.pdbx_mosaicity_esd    ? 
_exptl_crystal.density_Matthews      2.81 
_exptl_crystal.density_diffrn        ? 
_exptl_crystal.density_meas          ? 
_exptl_crystal.density_meas_temp     ? 
_exptl_crystal.density_percent_sol   56.18 
_exptl_crystal.size_max              ? 
_exptl_crystal.size_mid              ? 
_exptl_crystal.size_min              ? 
_exptl_crystal.size_rad              ? 
_exptl_crystal.description           ? 
_exptl_crystal.F_000                 ? 
_exptl_crystal.preparation           ? 
# 
_exptl_crystal_grow.crystal_id      1 
_exptl_crystal_grow.method          'VAPOR DIFFUSION, HANGING DROP' 
_exptl_crystal_grow.pH              8.0 
_exptl_crystal_grow.temp            295 
_exptl_crystal_grow.pdbx_details    
;0.16M ammonium acetate, 0.01M calcium chloride dihydrate, 0.05M sodium cacodylate trihydrate pH 6.5, 8%(w/v) PEG 4000, VAPOR DIFFUSION, HANGING DROP, temperature 295K
;
_exptl_crystal_grow.temp_details    ? 
_exptl_crystal_grow.pdbx_pH_range   . 
# 
_diffrn.id                     1 
_diffrn.ambient_temp           100 
_diffrn.ambient_temp_details   ? 
_diffrn.crystal_id             1 
# 
_diffrn_detector.diffrn_id              1 
_diffrn_detector.detector               CCD 
_diffrn_detector.type                   'ADSC QUANTUM 210' 
_diffrn_detector.pdbx_collection_date   2009-03-25 
_diffrn_detector.details                ? 
# 
_diffrn_radiation.diffrn_id                        1 
_diffrn_radiation.pdbx_diffrn_protocol             'SINGLE WAVELENGTH' 
_diffrn_radiation.monochromator                    ? 
_diffrn_radiation.wavelength_id                    1 
_diffrn_radiation.pdbx_monochromatic_or_laue_m_l   M 
_diffrn_radiation.pdbx_scattering_type             x-ray 
# 
_diffrn_radiation_wavelength.id           1 
_diffrn_radiation_wavelength.wavelength   1.0000 
_diffrn_radiation_wavelength.wt           1.0 
# 
_diffrn_source.diffrn_id                   1 
_diffrn_source.source                      SYNCHROTRON 
_diffrn_source.type                        'PAL/PLS BEAMLINE 4A' 
_diffrn_source.pdbx_wavelength_list        1.0000 
_diffrn_source.pdbx_wavelength             ? 
_diffrn_source.pdbx_synchrotron_site       PAL/PLS 
_diffrn_source.pdbx_synchrotron_beamline   4A 
# 
_reflns.entry_id                     3NII 
_reflns.d_resolution_high            2.100 
_reflns.d_resolution_low             50.000 
_reflns.number_obs                   7052 
_reflns.pdbx_Rmerge_I_obs            0.069 
_reflns.pdbx_netI_over_sigmaI        13.100 
_reflns.pdbx_chi_squared             1.872 
_reflns.pdbx_redundancy              23.700 
_reflns.percent_possible_obs         99.800 
_reflns.observed_criterion_sigma_F   ? 
_reflns.observed_criterion_sigma_I   ? 
_reflns.number_all                   ? 
_reflns.pdbx_Rsym_value              ? 
_reflns.B_iso_Wilson_estimate        ? 
_reflns.R_free_details               ? 
_reflns.limit_h_max                  ? 
_reflns.limit_h_min                  ? 
_reflns.limit_k_max                  ? 
_reflns.limit_k_min                  ? 
_reflns.limit_l_max                  ? 
_reflns.limit_l_min                  ? 
_reflns.observed_criterion_F_max     ? 
_reflns.observed_criterion_F_min     ? 
_reflns.pdbx_scaling_rejects         ? 
_reflns.pdbx_diffrn_id               1 
_reflns.pdbx_ordinal                 1 
# 
loop_
_reflns_shell.d_res_high 
_reflns_shell.d_res_low 
_reflns_shell.number_measured_obs 
_reflns_shell.number_measured_all 
_reflns_shell.number_unique_obs 
_reflns_shell.pdbx_rejects 
_reflns_shell.Rmerge_I_obs 
_reflns_shell.meanI_over_sigI_obs 
_reflns_shell.pdbx_Rsym_value 
_reflns_shell.pdbx_chi_squared 
_reflns_shell.pdbx_redundancy 
_reflns_shell.percent_possible_obs 
_reflns_shell.pdbx_netI_over_sigmaI_obs 
_reflns_shell.number_possible 
_reflns_shell.number_unique_all 
_reflns_shell.Rmerge_F_all 
_reflns_shell.Rmerge_F_obs 
_reflns_shell.Rmerge_I_all 
_reflns_shell.meanI_over_sigI_all 
_reflns_shell.percent_possible_all 
_reflns_shell.pdbx_Rrim_I_all 
_reflns_shell.pdbx_Rpim_I_all 
_reflns_shell.pdbx_diffrn_id 
_reflns_shell.pdbx_ordinal 
2.100 2.180  ? ? ? ? 0.462 ? ? 0.868 21.100 ? ? ? 668 ? ? ? ? 100.000 ? ? ? 1  
2.180 2.260  ? ? ? ? 0.362 ? ? 0.967 24.500 ? ? ? 686 ? ? ? ? 100.000 ? ? ? 2  
2.260 2.370  ? ? ? ? 0.272 ? ? 1.039 25.300 ? ? ? 674 ? ? ? ? 100.000 ? ? ? 3  
2.370 2.490  ? ? ? ? 0.206 ? ? 1.088 25.200 ? ? ? 686 ? ? ? ? 100.000 ? ? ? 4  
2.490 2.650  ? ? ? ? 0.151 ? ? 1.226 25.100 ? ? ? 705 ? ? ? ? 100.000 ? ? ? 5  
2.650 2.850  ? ? ? ? 0.110 ? ? 1.506 25.000 ? ? ? 686 ? ? ? ? 100.000 ? ? ? 6  
2.850 3.140  ? ? ? ? 0.088 ? ? 2.037 24.600 ? ? ? 698 ? ? ? ? 100.000 ? ? ? 7  
3.140 3.590  ? ? ? ? 0.078 ? ? 3.327 23.300 ? ? ? 716 ? ? ? ? 100.000 ? ? ? 8  
3.590 4.520  ? ? ? ? 0.061 ? ? 3.584 22.400 ? ? ? 733 ? ? ? ? 100.000 ? ? ? 9  
4.520 50.000 ? ? ? ? 0.048 ? ? 3.074 20.600 ? ? ? 800 ? ? ? ? 98.200  ? ? ? 10 
# 
_refine.entry_id                                 3NII 
_refine.ls_d_res_high                            2.1000 
_refine.ls_d_res_low                             24.5600 
_refine.pdbx_ls_sigma_F                          0.000 
_refine.pdbx_data_cutoff_high_absF               ? 
_refine.pdbx_data_cutoff_low_absF                ? 
_refine.ls_percent_reflns_obs                    99.8700 
_refine.ls_number_reflns_obs                     6960 
_refine.ls_number_reflns_all                     ? 
_refine.pdbx_ls_cross_valid_method               THROUGHOUT 
_refine.pdbx_R_Free_selection_details            RANDOM 
_refine.details                                  'HYDROGENS HAVE BEEN ADDED IN THE RIDING POSITIONS' 
_refine.ls_R_factor_all                          ? 
_refine.ls_R_factor_obs                          0.2526 
_refine.ls_R_factor_R_work                       0.2512 
_refine.ls_wR_factor_R_work                      ? 
_refine.ls_R_factor_R_free                       0.2815 
_refine.ls_wR_factor_R_free                      ? 
_refine.ls_percent_reflns_R_free                 4.8000 
_refine.ls_number_reflns_R_free                  332 
_refine.ls_R_factor_R_free_error                 ? 
_refine.B_iso_mean                               55.462 
_refine.solvent_model_param_bsol                 ? 
_refine.solvent_model_param_ksol                 ? 
_refine.pdbx_isotropic_thermal_model             ? 
_refine.aniso_B[1][1]                            -0.1400 
_refine.aniso_B[2][2]                            -0.1400 
_refine.aniso_B[3][3]                            0.2100 
_refine.aniso_B[1][2]                            -0.0700 
_refine.aniso_B[1][3]                            0.0000 
_refine.aniso_B[2][3]                            0.0000 
_refine.correlation_coeff_Fo_to_Fc               0.9330 
_refine.correlation_coeff_Fo_to_Fc_free          0.9330 
_refine.overall_SU_R_Cruickshank_DPI             ? 
_refine.overall_SU_R_free                        ? 
_refine.pdbx_overall_ESU_R_Free                  0.1900 
_refine.overall_SU_ML                            0.1700 
_refine.overall_SU_B                             9.8270 
_refine.solvent_model_details                    MASK 
_refine.pdbx_solvent_vdw_probe_radii             1.2000 
_refine.pdbx_solvent_ion_probe_radii             0.8000 
_refine.pdbx_solvent_shrinkage_radii             0.8000 
_refine.ls_number_parameters                     ? 
_refine.ls_number_restraints                     ? 
_refine.pdbx_starting_model                      'PDB ENTRY 3NIS' 
_refine.pdbx_method_to_determine_struct          'MOLECULAR REPLACEMENT' 
_refine.pdbx_stereochemistry_target_values       'MAXIMUM LIKELIHOOD' 
_refine.pdbx_stereochem_target_val_spec_case     ? 
_refine.overall_FOM_work_R_set                   ? 
_refine.B_iso_max                                74.450 
_refine.B_iso_min                                24.000 
_refine.occupancy_max                            1.000 
_refine.occupancy_min                            1.000 
_refine.pdbx_ls_sigma_I                          ? 
_refine.ls_redundancy_reflns_obs                 ? 
_refine.ls_R_factor_R_free_error_details         ? 
_refine.pdbx_data_cutoff_high_rms_absF           ? 
_refine.overall_FOM_free_R_set                   ? 
_refine.pdbx_refine_id                           'X-RAY DIFFRACTION' 
_refine.pdbx_overall_phase_error                 ? 
_refine.pdbx_overall_ESU_R                       ? 
_refine.pdbx_diffrn_id                           1 
_refine.pdbx_TLS_residual_ADP_flag               ? 
_refine.pdbx_overall_SU_R_free_Cruickshank_DPI   ? 
_refine.pdbx_overall_SU_R_Blow_DPI               ? 
_refine.pdbx_overall_SU_R_free_Blow_DPI          ? 
# 
_refine_hist.pdbx_refine_id                   'X-RAY DIFFRACTION' 
_refine_hist.cycle_id                         LAST 
_refine_hist.pdbx_number_atoms_protein        640 
_refine_hist.pdbx_number_atoms_nucleic_acid   0 
_refine_hist.pdbx_number_atoms_ligand         3 
_refine_hist.number_atoms_solvent             22 
_refine_hist.number_atoms_total               665 
_refine_hist.d_res_high                       2.1000 
_refine_hist.d_res_low                        24.5600 
# 
loop_
_refine_ls_restr.type 
_refine_ls_restr.number 
_refine_ls_restr.dev_ideal 
_refine_ls_restr.dev_ideal_target 
_refine_ls_restr.weight 
_refine_ls_restr.pdbx_refine_id 
_refine_ls_restr.pdbx_restraint_function 
r_bond_refined_d         655 0.007  0.021  ? 'X-RAY DIFFRACTION' ? 
r_angle_refined_deg      882 0.925  1.909  ? 'X-RAY DIFFRACTION' ? 
r_dihedral_angle_1_deg   80  4.750  5.000  ? 'X-RAY DIFFRACTION' ? 
r_dihedral_angle_2_deg   33  32.872 24.242 ? 'X-RAY DIFFRACTION' ? 
r_dihedral_angle_3_deg   109 16.056 15.000 ? 'X-RAY DIFFRACTION' ? 
r_dihedral_angle_4_deg   3   11.717 15.000 ? 'X-RAY DIFFRACTION' ? 
r_chiral_restr           93  0.075  0.200  ? 'X-RAY DIFFRACTION' ? 
r_gen_planes_refined     502 0.002  0.020  ? 'X-RAY DIFFRACTION' ? 
r_nbd_refined            265 0.176  0.200  ? 'X-RAY DIFFRACTION' ? 
r_nbtor_refined          423 0.292  0.200  ? 'X-RAY DIFFRACTION' ? 
r_xyhbond_nbd_refined    32  0.140  0.200  ? 'X-RAY DIFFRACTION' ? 
r_metal_ion_refined      1   0.059  0.200  ? 'X-RAY DIFFRACTION' ? 
r_symmetry_vdw_refined   16  0.317  0.200  ? 'X-RAY DIFFRACTION' ? 
r_symmetry_hbond_refined 5   0.071  0.200  ? 'X-RAY DIFFRACTION' ? 
r_mcbond_it              422 0.397  1.500  ? 'X-RAY DIFFRACTION' ? 
r_mcangle_it             652 0.659  2.000  ? 'X-RAY DIFFRACTION' ? 
r_scbond_it              263 0.720  3.000  ? 'X-RAY DIFFRACTION' ? 
r_scangle_it             230 1.240  4.500  ? 'X-RAY DIFFRACTION' ? 
# 
_refine_ls_shell.d_res_high                       2.1000 
_refine_ls_shell.d_res_low                        2.1540 
_refine_ls_shell.pdbx_total_number_of_bins_used   20 
_refine_ls_shell.percent_reflns_obs               99.8000 
_refine_ls_shell.number_reflns_R_work             472 
_refine_ls_shell.R_factor_all                     ? 
_refine_ls_shell.R_factor_R_work                  0.2660 
_refine_ls_shell.R_factor_R_free                  0.2930 
_refine_ls_shell.percent_reflns_R_free            ? 
_refine_ls_shell.number_reflns_R_free             28 
_refine_ls_shell.R_factor_R_free_error            ? 
_refine_ls_shell.number_reflns_all                500 
_refine_ls_shell.number_reflns_obs                ? 
_refine_ls_shell.pdbx_refine_id                   'X-RAY DIFFRACTION' 
_refine_ls_shell.redundancy_reflns_obs            ? 
# 
_struct.entry_id                  3NII 
_struct.title                     'The structure of UBR box (KIAA)' 
_struct.pdbx_model_details        ? 
_struct.pdbx_CASP_flag            ? 
_struct.pdbx_model_type_details   ? 
# 
_struct_keywords.entry_id        3NII 
_struct_keywords.text            'E3 ubiquitin ligase, UBR box, Zinc-binding protein, N-end rule, Ligase, metal binding protein' 
_struct_keywords.pdbx_keywords   'METAL BINDING PROTEIN' 
# 
loop_
_struct_asym.id 
_struct_asym.pdbx_blank_PDB_chainid_flag 
_struct_asym.pdbx_modified 
_struct_asym.entity_id 
_struct_asym.details 
A N N 1 ? 
B N N 2 ? 
C N N 3 ? 
D N N 3 ? 
E N N 3 ? 
F N N 4 ? 
# 
loop_
_struct_ref.id 
_struct_ref.db_name 
_struct_ref.db_code 
_struct_ref.pdbx_db_accession 
_struct_ref.entity_id 
_struct_ref.pdbx_seq_one_letter_code 
_struct_ref.pdbx_align_begin 
_struct_ref.pdbx_db_isoform 
1 UNP UBR1_YEAST P19812 1 
;VHKHTGRNCGRKFKIGEPLYRCHECGCDDTCVLCIHCFNPKDHVNHHVCTDICTEFTSGICDCGDEEAWNSPLHCKAEEQ

;
115 ? 
2 PDB 3NII       3NII   2 KIAA                                                                                1   ? 
# 
loop_
_struct_ref_seq.align_id 
_struct_ref_seq.ref_id 
_struct_ref_seq.pdbx_PDB_id_code 
_struct_ref_seq.pdbx_strand_id 
_struct_ref_seq.seq_align_beg 
_struct_ref_seq.pdbx_seq_align_beg_ins_code 
_struct_ref_seq.seq_align_end 
_struct_ref_seq.pdbx_seq_align_end_ins_code 
_struct_ref_seq.pdbx_db_accession 
_struct_ref_seq.db_align_beg 
_struct_ref_seq.pdbx_db_align_beg_ins_code 
_struct_ref_seq.db_align_end 
_struct_ref_seq.pdbx_db_align_end_ins_code 
_struct_ref_seq.pdbx_auth_seq_align_beg 
_struct_ref_seq.pdbx_auth_seq_align_end 
1 1 3NII A 3 ? 82 ? P19812 115 ? 194 ? 115 194 
2 2 3NII B 1 ? 4  ? 3NII   1   ? 4   ? 1   4   
# 
loop_
_struct_ref_seq_dif.align_id 
_struct_ref_seq_dif.pdbx_pdb_id_code 
_struct_ref_seq_dif.mon_id 
_struct_ref_seq_dif.pdbx_pdb_strand_id 
_struct_ref_seq_dif.seq_num 
_struct_ref_seq_dif.pdbx_pdb_ins_code 
_struct_ref_seq_dif.pdbx_seq_db_name 
_struct_ref_seq_dif.pdbx_seq_db_accession_code 
_struct_ref_seq_dif.db_mon_id 
_struct_ref_seq_dif.pdbx_seq_db_seq_num 
_struct_ref_seq_dif.details 
_struct_ref_seq_dif.pdbx_auth_seq_num 
_struct_ref_seq_dif.pdbx_ordinal 
1 3NII GLY A 1 ? UNP P19812 ? ? 'expression tag' 113 1 
1 3NII SER A 2 ? UNP P19812 ? ? 'expression tag' 114 2 
# 
_pdbx_struct_assembly.id                   1 
_pdbx_struct_assembly.details              author_and_software_defined_assembly 
_pdbx_struct_assembly.method_details       PISA 
_pdbx_struct_assembly.oligomeric_details   dimeric 
_pdbx_struct_assembly.oligomeric_count     2 
# 
loop_
_pdbx_struct_assembly_prop.biol_id 
_pdbx_struct_assembly_prop.type 
_pdbx_struct_assembly_prop.value 
_pdbx_struct_assembly_prop.details 
1 'ABSA (A^2)' 600  ? 
1 MORE         -3   ? 
1 'SSA (A^2)'  5060 ? 
# 
_pdbx_struct_assembly_gen.assembly_id       1 
_pdbx_struct_assembly_gen.oper_expression   1 
_pdbx_struct_assembly_gen.asym_id_list      A,B,C,D,E,F 
# 
_pdbx_struct_oper_list.id                   1 
_pdbx_struct_oper_list.type                 'identity operation' 
_pdbx_struct_oper_list.name                 1_555 
_pdbx_struct_oper_list.symmetry_operation   x,y,z 
_pdbx_struct_oper_list.matrix[1][1]         1.0000000000 
_pdbx_struct_oper_list.matrix[1][2]         0.0000000000 
_pdbx_struct_oper_list.matrix[1][3]         0.0000000000 
_pdbx_struct_oper_list.vector[1]            0.0000000000 
_pdbx_struct_oper_list.matrix[2][1]         0.0000000000 
_pdbx_struct_oper_list.matrix[2][2]         1.0000000000 
_pdbx_struct_oper_list.matrix[2][3]         0.0000000000 
_pdbx_struct_oper_list.vector[2]            0.0000000000 
_pdbx_struct_oper_list.matrix[3][1]         0.0000000000 
_pdbx_struct_oper_list.matrix[3][2]         0.0000000000 
_pdbx_struct_oper_list.matrix[3][3]         1.0000000000 
_pdbx_struct_oper_list.vector[3]            0.0000000000 
# 
_struct_biol.id        1 
_struct_biol.details   ? 
# 
loop_
_struct_conf.conf_type_id 
_struct_conf.id 
_struct_conf.pdbx_PDB_helix_id 
_struct_conf.beg_label_comp_id 
_struct_conf.beg_label_asym_id 
_struct_conf.beg_label_seq_id 
_struct_conf.pdbx_beg_PDB_ins_code 
_struct_conf.end_label_comp_id 
_struct_conf.end_label_asym_id 
_struct_conf.end_label_seq_id 
_struct_conf.pdbx_end_PDB_ins_code 
_struct_conf.beg_auth_comp_id 
_struct_conf.beg_auth_asym_id 
_struct_conf.beg_auth_seq_id 
_struct_conf.end_auth_comp_id 
_struct_conf.end_auth_asym_id 
_struct_conf.end_auth_seq_id 
_struct_conf.pdbx_PDB_helix_class 
_struct_conf.details 
_struct_conf.pdbx_PDB_helix_length 
HELX_P HELX_P1 1 ASN A 41 ? HIS A 45 ? ASN A 153 HIS A 157 5 ? 5 
HELX_P HELX_P2 2 ASP A 67 ? TRP A 71 ? ASP A 179 TRP A 183 5 ? 5 
# 
_struct_conf_type.id          HELX_P 
_struct_conf_type.criteria    ? 
_struct_conf_type.reference   ? 
# 
loop_
_struct_conn.id 
_struct_conn.conn_type_id 
_struct_conn.pdbx_leaving_atom_flag 
_struct_conn.pdbx_PDB_id 
_struct_conn.ptnr1_label_asym_id 
_struct_conn.ptnr1_label_comp_id 
_struct_conn.ptnr1_label_seq_id 
_struct_conn.ptnr1_label_atom_id 
_struct_conn.pdbx_ptnr1_label_alt_id 
_struct_conn.pdbx_ptnr1_PDB_ins_code 
_struct_conn.pdbx_ptnr1_standard_comp_id 
_struct_conn.ptnr1_symmetry 
_struct_conn.ptnr2_label_asym_id 
_struct_conn.ptnr2_label_comp_id 
_struct_conn.ptnr2_label_seq_id 
_struct_conn.ptnr2_label_atom_id 
_struct_conn.pdbx_ptnr2_label_alt_id 
_struct_conn.pdbx_ptnr2_PDB_ins_code 
_struct_conn.ptnr1_auth_asym_id 
_struct_conn.ptnr1_auth_comp_id 
_struct_conn.ptnr1_auth_seq_id 
_struct_conn.ptnr2_auth_asym_id 
_struct_conn.ptnr2_auth_comp_id 
_struct_conn.ptnr2_auth_seq_id 
_struct_conn.ptnr2_symmetry 
_struct_conn.pdbx_ptnr3_label_atom_id 
_struct_conn.pdbx_ptnr3_label_seq_id 
_struct_conn.pdbx_ptnr3_label_comp_id 
_struct_conn.pdbx_ptnr3_label_asym_id 
_struct_conn.pdbx_ptnr3_label_alt_id 
_struct_conn.pdbx_ptnr3_PDB_ins_code 
_struct_conn.details 
_struct_conn.pdbx_dist_value 
_struct_conn.pdbx_value_order 
_struct_conn.pdbx_role 
disulf1  disulf ? ? A CYS 51 SG ? ? ? 1_555 A CYS 51 SG  ? ? A CYS 163 A CYS 163 8_555 ? ? ? ? ? ? ? 2.737 ? ? 
metalc1  metalc ? ? C ZN  .  ZN ? ? ? 1_555 A CYS 11 SG  ? ? A ZN  1   A CYS 123 1_555 ? ? ? ? ? ? ? 2.413 ? ? 
metalc2  metalc ? ? C ZN  .  ZN ? ? ? 1_555 A CYS 36 SG  ? ? A ZN  1   A CYS 148 1_555 ? ? ? ? ? ? ? 2.399 ? ? 
metalc3  metalc ? ? C ZN  .  ZN ? ? ? 1_555 A CYS 39 SG  ? ? A ZN  1   A CYS 151 1_555 ? ? ? ? ? ? ? 2.145 ? ? 
metalc4  metalc ? ? C ZN  .  ZN ? ? ? 1_555 A CYS 63 SG  ? ? A ZN  1   A CYS 175 1_555 ? ? ? ? ? ? ? 2.315 ? ? 
metalc5  metalc ? ? D ZN  .  ZN ? ? ? 1_555 A HIS 6  NE2 ? ? A ZN  2   A HIS 118 1_555 ? ? ? ? ? ? ? 2.329 ? ? 
metalc6  metalc ? ? D ZN  .  ZN ? ? ? 1_555 A CYS 39 SG  ? ? A ZN  2   A CYS 151 1_555 ? ? ? ? ? ? ? 2.316 ? ? 
metalc7  metalc ? ? D ZN  .  ZN ? ? ? 1_555 A CYS 65 SG  ? ? A ZN  2   A CYS 177 1_555 ? ? ? ? ? ? ? 2.446 ? ? 
metalc8  metalc ? ? D ZN  .  ZN ? ? ? 1_555 A CYS 77 SG  ? ? A ZN  2   A CYS 189 1_555 ? ? ? ? ? ? ? 1.977 ? ? 
metalc9  metalc ? ? E ZN  .  ZN ? ? ? 1_555 A CYS 24 SG  ? ? A ZN  3   A CYS 136 1_555 ? ? ? ? ? ? ? 2.143 ? ? 
metalc10 metalc ? ? E ZN  .  ZN ? ? ? 1_555 A CYS 27 SG  ? ? A ZN  3   A CYS 139 1_555 ? ? ? ? ? ? ? 2.126 ? ? 
metalc11 metalc ? ? E ZN  .  ZN ? ? ? 1_555 A HIS 45 ND1 ? ? A ZN  3   A HIS 157 1_555 ? ? ? ? ? ? ? 2.001 ? ? 
metalc12 metalc ? ? E ZN  .  ZN ? ? ? 1_555 A HIS 48 ND1 ? ? A ZN  3   A HIS 160 1_555 ? ? ? ? ? ? ? 2.199 ? ? 
# 
loop_
_struct_conn_type.id 
_struct_conn_type.criteria 
_struct_conn_type.reference 
disulf ? ? 
metalc ? ? 
# 
loop_
_pdbx_struct_conn_angle.id 
_pdbx_struct_conn_angle.ptnr1_label_atom_id 
_pdbx_struct_conn_angle.ptnr1_label_alt_id 
_pdbx_struct_conn_angle.ptnr1_label_asym_id 
_pdbx_struct_conn_angle.ptnr1_label_comp_id 
_pdbx_struct_conn_angle.ptnr1_label_seq_id 
_pdbx_struct_conn_angle.ptnr1_auth_atom_id 
_pdbx_struct_conn_angle.ptnr1_auth_asym_id 
_pdbx_struct_conn_angle.ptnr1_auth_comp_id 
_pdbx_struct_conn_angle.ptnr1_auth_seq_id 
_pdbx_struct_conn_angle.ptnr1_PDB_ins_code 
_pdbx_struct_conn_angle.ptnr1_symmetry 
_pdbx_struct_conn_angle.ptnr2_label_atom_id 
_pdbx_struct_conn_angle.ptnr2_label_alt_id 
_pdbx_struct_conn_angle.ptnr2_label_asym_id 
_pdbx_struct_conn_angle.ptnr2_label_comp_id 
_pdbx_struct_conn_angle.ptnr2_label_seq_id 
_pdbx_struct_conn_angle.ptnr2_auth_atom_id 
_pdbx_struct_conn_angle.ptnr2_auth_asym_id 
_pdbx_struct_conn_angle.ptnr2_auth_comp_id 
_pdbx_struct_conn_angle.ptnr2_auth_seq_id 
_pdbx_struct_conn_angle.ptnr2_PDB_ins_code 
_pdbx_struct_conn_angle.ptnr2_symmetry 
_pdbx_struct_conn_angle.ptnr3_label_atom_id 
_pdbx_struct_conn_angle.ptnr3_label_alt_id 
_pdbx_struct_conn_angle.ptnr3_label_asym_id 
_pdbx_struct_conn_angle.ptnr3_label_comp_id 
_pdbx_struct_conn_angle.ptnr3_label_seq_id 
_pdbx_struct_conn_angle.ptnr3_auth_atom_id 
_pdbx_struct_conn_angle.ptnr3_auth_asym_id 
_pdbx_struct_conn_angle.ptnr3_auth_comp_id 
_pdbx_struct_conn_angle.ptnr3_auth_seq_id 
_pdbx_struct_conn_angle.ptnr3_PDB_ins_code 
_pdbx_struct_conn_angle.ptnr3_symmetry 
_pdbx_struct_conn_angle.value 
_pdbx_struct_conn_angle.value_esd 
1  SG  ? A CYS 11 ? A CYS 123 ? 1_555 ZN ? C ZN . ? A ZN 1 ? 1_555 SG  ? A CYS 36 ? A CYS 148 ? 1_555 121.7 ? 
2  SG  ? A CYS 11 ? A CYS 123 ? 1_555 ZN ? C ZN . ? A ZN 1 ? 1_555 SG  ? A CYS 39 ? A CYS 151 ? 1_555 101.0 ? 
3  SG  ? A CYS 36 ? A CYS 148 ? 1_555 ZN ? C ZN . ? A ZN 1 ? 1_555 SG  ? A CYS 39 ? A CYS 151 ? 1_555 100.7 ? 
4  SG  ? A CYS 11 ? A CYS 123 ? 1_555 ZN ? C ZN . ? A ZN 1 ? 1_555 SG  ? A CYS 63 ? A CYS 175 ? 1_555 106.6 ? 
5  SG  ? A CYS 36 ? A CYS 148 ? 1_555 ZN ? C ZN . ? A ZN 1 ? 1_555 SG  ? A CYS 63 ? A CYS 175 ? 1_555 113.1 ? 
6  SG  ? A CYS 39 ? A CYS 151 ? 1_555 ZN ? C ZN . ? A ZN 1 ? 1_555 SG  ? A CYS 63 ? A CYS 175 ? 1_555 113.1 ? 
7  NE2 ? A HIS 6  ? A HIS 118 ? 1_555 ZN ? D ZN . ? A ZN 2 ? 1_555 SG  ? A CYS 39 ? A CYS 151 ? 1_555 108.9 ? 
8  NE2 ? A HIS 6  ? A HIS 118 ? 1_555 ZN ? D ZN . ? A ZN 2 ? 1_555 SG  ? A CYS 65 ? A CYS 177 ? 1_555 98.3  ? 
9  SG  ? A CYS 39 ? A CYS 151 ? 1_555 ZN ? D ZN . ? A ZN 2 ? 1_555 SG  ? A CYS 65 ? A CYS 177 ? 1_555 109.2 ? 
10 NE2 ? A HIS 6  ? A HIS 118 ? 1_555 ZN ? D ZN . ? A ZN 2 ? 1_555 SG  ? A CYS 77 ? A CYS 189 ? 1_555 107.4 ? 
11 SG  ? A CYS 39 ? A CYS 151 ? 1_555 ZN ? D ZN . ? A ZN 2 ? 1_555 SG  ? A CYS 77 ? A CYS 189 ? 1_555 120.4 ? 
12 SG  ? A CYS 65 ? A CYS 177 ? 1_555 ZN ? D ZN . ? A ZN 2 ? 1_555 SG  ? A CYS 77 ? A CYS 189 ? 1_555 110.4 ? 
13 SG  ? A CYS 24 ? A CYS 136 ? 1_555 ZN ? E ZN . ? A ZN 3 ? 1_555 SG  ? A CYS 27 ? A CYS 139 ? 1_555 112.1 ? 
14 SG  ? A CYS 24 ? A CYS 136 ? 1_555 ZN ? E ZN . ? A ZN 3 ? 1_555 ND1 ? A HIS 45 ? A HIS 157 ? 1_555 116.0 ? 
15 SG  ? A CYS 27 ? A CYS 139 ? 1_555 ZN ? E ZN . ? A ZN 3 ? 1_555 ND1 ? A HIS 45 ? A HIS 157 ? 1_555 103.0 ? 
16 SG  ? A CYS 24 ? A CYS 136 ? 1_555 ZN ? E ZN . ? A ZN 3 ? 1_555 ND1 ? A HIS 48 ? A HIS 160 ? 1_555 104.5 ? 
17 SG  ? A CYS 27 ? A CYS 139 ? 1_555 ZN ? E ZN . ? A ZN 3 ? 1_555 ND1 ? A HIS 48 ? A HIS 160 ? 1_555 100.3 ? 
18 ND1 ? A HIS 45 ? A HIS 157 ? 1_555 ZN ? E ZN . ? A ZN 3 ? 1_555 ND1 ? A HIS 48 ? A HIS 160 ? 1_555 119.9 ? 
# 
_pdbx_modification_feature.ordinal                            1 
_pdbx_modification_feature.label_comp_id                      CYS 
_pdbx_modification_feature.label_asym_id                      A 
_pdbx_modification_feature.label_seq_id                       51 
_pdbx_modification_feature.label_alt_id                       ? 
_pdbx_modification_feature.modified_residue_label_comp_id     CYS 
_pdbx_modification_feature.modified_residue_label_asym_id     A 
_pdbx_modification_feature.modified_residue_label_seq_id      51 
_pdbx_modification_feature.modified_residue_label_alt_id      ? 
_pdbx_modification_feature.auth_comp_id                       CYS 
_pdbx_modification_feature.auth_asym_id                       A 
_pdbx_modification_feature.auth_seq_id                        163 
_pdbx_modification_feature.PDB_ins_code                       ? 
_pdbx_modification_feature.symmetry                           1_555 
_pdbx_modification_feature.modified_residue_auth_comp_id      CYS 
_pdbx_modification_feature.modified_residue_auth_asym_id      A 
_pdbx_modification_feature.modified_residue_auth_seq_id       163 
_pdbx_modification_feature.modified_residue_PDB_ins_code      ? 
_pdbx_modification_feature.modified_residue_symmetry          8_555 
_pdbx_modification_feature.comp_id_linking_atom               SG 
_pdbx_modification_feature.modified_residue_id_linking_atom   SG 
_pdbx_modification_feature.modified_residue_id                . 
_pdbx_modification_feature.ref_pcm_id                         . 
_pdbx_modification_feature.ref_comp_id                        . 
_pdbx_modification_feature.type                               None 
_pdbx_modification_feature.category                           'Disulfide bridge' 
# 
_struct_sheet.id               A 
_struct_sheet.type             ? 
_struct_sheet.number_strands   2 
_struct_sheet.details          ? 
# 
_struct_sheet_order.sheet_id     A 
_struct_sheet_order.range_id_1   1 
_struct_sheet_order.range_id_2   2 
_struct_sheet_order.offset       ? 
_struct_sheet_order.sense        anti-parallel 
# 
loop_
_struct_sheet_range.sheet_id 
_struct_sheet_range.id 
_struct_sheet_range.beg_label_comp_id 
_struct_sheet_range.beg_label_asym_id 
_struct_sheet_range.beg_label_seq_id 
_struct_sheet_range.pdbx_beg_PDB_ins_code 
_struct_sheet_range.end_label_comp_id 
_struct_sheet_range.end_label_asym_id 
_struct_sheet_range.end_label_seq_id 
_struct_sheet_range.pdbx_end_PDB_ins_code 
_struct_sheet_range.beg_auth_comp_id 
_struct_sheet_range.beg_auth_asym_id 
_struct_sheet_range.beg_auth_seq_id 
_struct_sheet_range.end_auth_comp_id 
_struct_sheet_range.end_auth_asym_id 
_struct_sheet_range.end_auth_seq_id 
A 1 PRO A 20 ? CYS A 24 ? PRO A 132 CYS A 136 
A 2 VAL A 50 ? ILE A 54 ? VAL A 162 ILE A 166 
# 
_pdbx_struct_sheet_hbond.sheet_id                A 
_pdbx_struct_sheet_hbond.range_id_1              1 
_pdbx_struct_sheet_hbond.range_id_2              2 
_pdbx_struct_sheet_hbond.range_1_label_atom_id   N 
_pdbx_struct_sheet_hbond.range_1_label_comp_id   ARG 
_pdbx_struct_sheet_hbond.range_1_label_asym_id   A 
_pdbx_struct_sheet_hbond.range_1_label_seq_id    23 
_pdbx_struct_sheet_hbond.range_1_PDB_ins_code    ? 
_pdbx_struct_sheet_hbond.range_1_auth_atom_id    N 
_pdbx_struct_sheet_hbond.range_1_auth_comp_id    ARG 
_pdbx_struct_sheet_hbond.range_1_auth_asym_id    A 
_pdbx_struct_sheet_hbond.range_1_auth_seq_id     135 
_pdbx_struct_sheet_hbond.range_2_label_atom_id   O 
_pdbx_struct_sheet_hbond.range_2_label_comp_id   CYS 
_pdbx_struct_sheet_hbond.range_2_label_asym_id   A 
_pdbx_struct_sheet_hbond.range_2_label_seq_id    51 
_pdbx_struct_sheet_hbond.range_2_PDB_ins_code    ? 
_pdbx_struct_sheet_hbond.range_2_auth_atom_id    O 
_pdbx_struct_sheet_hbond.range_2_auth_comp_id    CYS 
_pdbx_struct_sheet_hbond.range_2_auth_asym_id    A 
_pdbx_struct_sheet_hbond.range_2_auth_seq_id     163 
# 
loop_
_struct_site.id 
_struct_site.pdbx_evidence_code 
_struct_site.pdbx_auth_asym_id 
_struct_site.pdbx_auth_comp_id 
_struct_site.pdbx_auth_seq_id 
_struct_site.pdbx_auth_ins_code 
_struct_site.pdbx_num_residues 
_struct_site.details 
AC1 Software A ZN 1 ? 4 'BINDING SITE FOR RESIDUE ZN A 1' 
AC2 Software A ZN 2 ? 4 'BINDING SITE FOR RESIDUE ZN A 2' 
AC3 Software A ZN 3 ? 4 'BINDING SITE FOR RESIDUE ZN A 3' 
# 
loop_
_struct_site_gen.id 
_struct_site_gen.site_id 
_struct_site_gen.pdbx_num_res 
_struct_site_gen.label_comp_id 
_struct_site_gen.label_asym_id 
_struct_site_gen.label_seq_id 
_struct_site_gen.pdbx_auth_ins_code 
_struct_site_gen.auth_comp_id 
_struct_site_gen.auth_asym_id 
_struct_site_gen.auth_seq_id 
_struct_site_gen.label_atom_id 
_struct_site_gen.label_alt_id 
_struct_site_gen.symmetry 
_struct_site_gen.details 
1  AC1 4 CYS A 11 ? CYS A 123 . ? 1_555 ? 
2  AC1 4 CYS A 36 ? CYS A 148 . ? 1_555 ? 
3  AC1 4 CYS A 39 ? CYS A 151 . ? 1_555 ? 
4  AC1 4 CYS A 63 ? CYS A 175 . ? 1_555 ? 
5  AC2 4 HIS A 6  ? HIS A 118 . ? 1_555 ? 
6  AC2 4 CYS A 39 ? CYS A 151 . ? 1_555 ? 
7  AC2 4 CYS A 65 ? CYS A 177 . ? 1_555 ? 
8  AC2 4 CYS A 77 ? CYS A 189 . ? 1_555 ? 
9  AC3 4 CYS A 24 ? CYS A 136 . ? 1_555 ? 
10 AC3 4 CYS A 27 ? CYS A 139 . ? 1_555 ? 
11 AC3 4 HIS A 45 ? HIS A 157 . ? 1_555 ? 
12 AC3 4 HIS A 48 ? HIS A 160 . ? 1_555 ? 
# 
_pdbx_entry_details.entry_id                   3NII 
_pdbx_entry_details.compound_details           ? 
_pdbx_entry_details.source_details             ? 
_pdbx_entry_details.nonpolymer_details         ? 
_pdbx_entry_details.sequence_details           ? 
_pdbx_entry_details.has_ligand_of_interest     ? 
_pdbx_entry_details.has_protein_modification   Y 
# 
_pdbx_validate_torsion.id              1 
_pdbx_validate_torsion.PDB_model_num   1 
_pdbx_validate_torsion.auth_comp_id    HIS 
_pdbx_validate_torsion.auth_asym_id    A 
_pdbx_validate_torsion.auth_seq_id     118 
_pdbx_validate_torsion.PDB_ins_code    ? 
_pdbx_validate_torsion.label_alt_id    ? 
_pdbx_validate_torsion.phi             -146.08 
_pdbx_validate_torsion.psi             40.21 
# 
_pdbx_refine_tls.pdbx_refine_id   'X-RAY DIFFRACTION' 
_pdbx_refine_tls.id               1 
_pdbx_refine_tls.details          ? 
_pdbx_refine_tls.method           refined 
_pdbx_refine_tls.origin_x         0.5167 
_pdbx_refine_tls.origin_y         -0.2184 
_pdbx_refine_tls.origin_z         -0.2210 
_pdbx_refine_tls.T[1][1]          -0.0661 
_pdbx_refine_tls.T[2][2]          0.0717 
_pdbx_refine_tls.T[3][3]          0.0918 
_pdbx_refine_tls.T[1][2]          -0.0349 
_pdbx_refine_tls.T[1][3]          0.0150 
_pdbx_refine_tls.T[2][3]          0.1105 
_pdbx_refine_tls.L[1][1]          10.6316 
_pdbx_refine_tls.L[2][2]          6.6870 
_pdbx_refine_tls.L[3][3]          9.1281 
_pdbx_refine_tls.L[1][2]          6.0586 
_pdbx_refine_tls.L[1][3]          -0.1247 
_pdbx_refine_tls.L[2][3]          -2.2537 
_pdbx_refine_tls.S[1][1]          -0.1963 
_pdbx_refine_tls.S[2][2]          0.1000 
_pdbx_refine_tls.S[3][3]          0.0962 
_pdbx_refine_tls.S[1][2]          -0.3939 
_pdbx_refine_tls.S[1][3]          -0.8481 
_pdbx_refine_tls.S[2][3]          -0.6820 
_pdbx_refine_tls.S[2][1]          -0.3024 
_pdbx_refine_tls.S[3][1]          -0.2792 
_pdbx_refine_tls.S[3][2]          -0.7727 
# 
_pdbx_refine_tls_group.pdbx_refine_id      'X-RAY DIFFRACTION' 
_pdbx_refine_tls_group.id                  1 
_pdbx_refine_tls_group.refine_tls_id       1 
_pdbx_refine_tls_group.beg_auth_asym_id    A 
_pdbx_refine_tls_group.beg_auth_seq_id     115 
_pdbx_refine_tls_group.end_auth_asym_id    A 
_pdbx_refine_tls_group.end_auth_seq_id     193 
_pdbx_refine_tls_group.selection_details   ? 
_pdbx_refine_tls_group.beg_label_asym_id   . 
_pdbx_refine_tls_group.beg_label_seq_id    . 
_pdbx_refine_tls_group.end_label_asym_id   . 
_pdbx_refine_tls_group.end_label_seq_id    . 
_pdbx_refine_tls_group.selection           ? 
# 
loop_
_pdbx_unobs_or_zero_occ_residues.id 
_pdbx_unobs_or_zero_occ_residues.PDB_model_num 
_pdbx_unobs_or_zero_occ_residues.polymer_flag 
_pdbx_unobs_or_zero_occ_residues.occupancy_flag 
_pdbx_unobs_or_zero_occ_residues.auth_asym_id 
_pdbx_unobs_or_zero_occ_residues.auth_comp_id 
_pdbx_unobs_or_zero_occ_residues.auth_seq_id 
_pdbx_unobs_or_zero_occ_residues.PDB_ins_code 
_pdbx_unobs_or_zero_occ_residues.label_asym_id 
_pdbx_unobs_or_zero_occ_residues.label_comp_id 
_pdbx_unobs_or_zero_occ_residues.label_seq_id 
1 1 Y 1 A GLY 113 ? A GLY 1  
2 1 Y 1 A SER 114 ? A SER 2  
3 1 Y 1 A GLN 194 ? A GLN 82 
4 1 Y 1 B ALA 4   ? B ALA 4  
# 
loop_
_chem_comp_atom.comp_id 
_chem_comp_atom.atom_id 
_chem_comp_atom.type_symbol 
_chem_comp_atom.pdbx_aromatic_flag 
_chem_comp_atom.pdbx_stereo_config 
_chem_comp_atom.pdbx_ordinal 
ALA N    N  N N 1   
ALA CA   C  N S 2   
ALA C    C  N N 3   
ALA O    O  N N 4   
ALA CB   C  N N 5   
ALA OXT  O  N N 6   
ALA H    H  N N 7   
ALA H2   H  N N 8   
ALA HA   H  N N 9   
ALA HB1  H  N N 10  
ALA HB2  H  N N 11  
ALA HB3  H  N N 12  
ALA HXT  H  N N 13  
ARG N    N  N N 14  
ARG CA   C  N S 15  
ARG C    C  N N 16  
ARG O    O  N N 17  
ARG CB   C  N N 18  
ARG CG   C  N N 19  
ARG CD   C  N N 20  
ARG NE   N  N N 21  
ARG CZ   C  N N 22  
ARG NH1  N  N N 23  
ARG NH2  N  N N 24  
ARG OXT  O  N N 25  
ARG H    H  N N 26  
ARG H2   H  N N 27  
ARG HA   H  N N 28  
ARG HB2  H  N N 29  
ARG HB3  H  N N 30  
ARG HG2  H  N N 31  
ARG HG3  H  N N 32  
ARG HD2  H  N N 33  
ARG HD3  H  N N 34  
ARG HE   H  N N 35  
ARG HH11 H  N N 36  
ARG HH12 H  N N 37  
ARG HH21 H  N N 38  
ARG HH22 H  N N 39  
ARG HXT  H  N N 40  
ASN N    N  N N 41  
ASN CA   C  N S 42  
ASN C    C  N N 43  
ASN O    O  N N 44  
ASN CB   C  N N 45  
ASN CG   C  N N 46  
ASN OD1  O  N N 47  
ASN ND2  N  N N 48  
ASN OXT  O  N N 49  
ASN H    H  N N 50  
ASN H2   H  N N 51  
ASN HA   H  N N 52  
ASN HB2  H  N N 53  
ASN HB3  H  N N 54  
ASN HD21 H  N N 55  
ASN HD22 H  N N 56  
ASN HXT  H  N N 57  
ASP N    N  N N 58  
ASP CA   C  N S 59  
ASP C    C  N N 60  
ASP O    O  N N 61  
ASP CB   C  N N 62  
ASP CG   C  N N 63  
ASP OD1  O  N N 64  
ASP OD2  O  N N 65  
ASP OXT  O  N N 66  
ASP H    H  N N 67  
ASP H2   H  N N 68  
ASP HA   H  N N 69  
ASP HB2  H  N N 70  
ASP HB3  H  N N 71  
ASP HD2  H  N N 72  
ASP HXT  H  N N 73  
CYS N    N  N N 74  
CYS CA   C  N R 75  
CYS C    C  N N 76  
CYS O    O  N N 77  
CYS CB   C  N N 78  
CYS SG   S  N N 79  
CYS OXT  O  N N 80  
CYS H    H  N N 81  
CYS H2   H  N N 82  
CYS HA   H  N N 83  
CYS HB2  H  N N 84  
CYS HB3  H  N N 85  
CYS HG   H  N N 86  
CYS HXT  H  N N 87  
GLN N    N  N N 88  
GLN CA   C  N S 89  
GLN C    C  N N 90  
GLN O    O  N N 91  
GLN CB   C  N N 92  
GLN CG   C  N N 93  
GLN CD   C  N N 94  
GLN OE1  O  N N 95  
GLN NE2  N  N N 96  
GLN OXT  O  N N 97  
GLN H    H  N N 98  
GLN H2   H  N N 99  
GLN HA   H  N N 100 
GLN HB2  H  N N 101 
GLN HB3  H  N N 102 
GLN HG2  H  N N 103 
GLN HG3  H  N N 104 
GLN HE21 H  N N 105 
GLN HE22 H  N N 106 
GLN HXT  H  N N 107 
GLU N    N  N N 108 
GLU CA   C  N S 109 
GLU C    C  N N 110 
GLU O    O  N N 111 
GLU CB   C  N N 112 
GLU CG   C  N N 113 
GLU CD   C  N N 114 
GLU OE1  O  N N 115 
GLU OE2  O  N N 116 
GLU OXT  O  N N 117 
GLU H    H  N N 118 
GLU H2   H  N N 119 
GLU HA   H  N N 120 
GLU HB2  H  N N 121 
GLU HB3  H  N N 122 
GLU HG2  H  N N 123 
GLU HG3  H  N N 124 
GLU HE2  H  N N 125 
GLU HXT  H  N N 126 
GLY N    N  N N 127 
GLY CA   C  N N 128 
GLY C    C  N N 129 
GLY O    O  N N 130 
GLY OXT  O  N N 131 
GLY H    H  N N 132 
GLY H2   H  N N 133 
GLY HA2  H  N N 134 
GLY HA3  H  N N 135 
GLY HXT  H  N N 136 
HIS N    N  N N 137 
HIS CA   C  N S 138 
HIS C    C  N N 139 
HIS O    O  N N 140 
HIS CB   C  N N 141 
HIS CG   C  Y N 142 
HIS ND1  N  Y N 143 
HIS CD2  C  Y N 144 
HIS CE1  C  Y N 145 
HIS NE2  N  Y N 146 
HIS OXT  O  N N 147 
HIS H    H  N N 148 
HIS H2   H  N N 149 
HIS HA   H  N N 150 
HIS HB2  H  N N 151 
HIS HB3  H  N N 152 
HIS HD1  H  N N 153 
HIS HD2  H  N N 154 
HIS HE1  H  N N 155 
HIS HE2  H  N N 156 
HIS HXT  H  N N 157 
HOH O    O  N N 158 
HOH H1   H  N N 159 
HOH H2   H  N N 160 
ILE N    N  N N 161 
ILE CA   C  N S 162 
ILE C    C  N N 163 
ILE O    O  N N 164 
ILE CB   C  N S 165 
ILE CG1  C  N N 166 
ILE CG2  C  N N 167 
ILE CD1  C  N N 168 
ILE OXT  O  N N 169 
ILE H    H  N N 170 
ILE H2   H  N N 171 
ILE HA   H  N N 172 
ILE HB   H  N N 173 
ILE HG12 H  N N 174 
ILE HG13 H  N N 175 
ILE HG21 H  N N 176 
ILE HG22 H  N N 177 
ILE HG23 H  N N 178 
ILE HD11 H  N N 179 
ILE HD12 H  N N 180 
ILE HD13 H  N N 181 
ILE HXT  H  N N 182 
LEU N    N  N N 183 
LEU CA   C  N S 184 
LEU C    C  N N 185 
LEU O    O  N N 186 
LEU CB   C  N N 187 
LEU CG   C  N N 188 
LEU CD1  C  N N 189 
LEU CD2  C  N N 190 
LEU OXT  O  N N 191 
LEU H    H  N N 192 
LEU H2   H  N N 193 
LEU HA   H  N N 194 
LEU HB2  H  N N 195 
LEU HB3  H  N N 196 
LEU HG   H  N N 197 
LEU HD11 H  N N 198 
LEU HD12 H  N N 199 
LEU HD13 H  N N 200 
LEU HD21 H  N N 201 
LEU HD22 H  N N 202 
LEU HD23 H  N N 203 
LEU HXT  H  N N 204 
LYS N    N  N N 205 
LYS CA   C  N S 206 
LYS C    C  N N 207 
LYS O    O  N N 208 
LYS CB   C  N N 209 
LYS CG   C  N N 210 
LYS CD   C  N N 211 
LYS CE   C  N N 212 
LYS NZ   N  N N 213 
LYS OXT  O  N N 214 
LYS H    H  N N 215 
LYS H2   H  N N 216 
LYS HA   H  N N 217 
LYS HB2  H  N N 218 
LYS HB3  H  N N 219 
LYS HG2  H  N N 220 
LYS HG3  H  N N 221 
LYS HD2  H  N N 222 
LYS HD3  H  N N 223 
LYS HE2  H  N N 224 
LYS HE3  H  N N 225 
LYS HZ1  H  N N 226 
LYS HZ2  H  N N 227 
LYS HZ3  H  N N 228 
LYS HXT  H  N N 229 
PHE N    N  N N 230 
PHE CA   C  N S 231 
PHE C    C  N N 232 
PHE O    O  N N 233 
PHE CB   C  N N 234 
PHE CG   C  Y N 235 
PHE CD1  C  Y N 236 
PHE CD2  C  Y N 237 
PHE CE1  C  Y N 238 
PHE CE2  C  Y N 239 
PHE CZ   C  Y N 240 
PHE OXT  O  N N 241 
PHE H    H  N N 242 
PHE H2   H  N N 243 
PHE HA   H  N N 244 
PHE HB2  H  N N 245 
PHE HB3  H  N N 246 
PHE HD1  H  N N 247 
PHE HD2  H  N N 248 
PHE HE1  H  N N 249 
PHE HE2  H  N N 250 
PHE HZ   H  N N 251 
PHE HXT  H  N N 252 
PRO N    N  N N 253 
PRO CA   C  N S 254 
PRO C    C  N N 255 
PRO O    O  N N 256 
PRO CB   C  N N 257 
PRO CG   C  N N 258 
PRO CD   C  N N 259 
PRO OXT  O  N N 260 
PRO H    H  N N 261 
PRO HA   H  N N 262 
PRO HB2  H  N N 263 
PRO HB3  H  N N 264 
PRO HG2  H  N N 265 
PRO HG3  H  N N 266 
PRO HD2  H  N N 267 
PRO HD3  H  N N 268 
PRO HXT  H  N N 269 
SER N    N  N N 270 
SER CA   C  N S 271 
SER C    C  N N 272 
SER O    O  N N 273 
SER CB   C  N N 274 
SER OG   O  N N 275 
SER OXT  O  N N 276 
SER H    H  N N 277 
SER H2   H  N N 278 
SER HA   H  N N 279 
SER HB2  H  N N 280 
SER HB3  H  N N 281 
SER HG   H  N N 282 
SER HXT  H  N N 283 
THR N    N  N N 284 
THR CA   C  N S 285 
THR C    C  N N 286 
THR O    O  N N 287 
THR CB   C  N R 288 
THR OG1  O  N N 289 
THR CG2  C  N N 290 
THR OXT  O  N N 291 
THR H    H  N N 292 
THR H2   H  N N 293 
THR HA   H  N N 294 
THR HB   H  N N 295 
THR HG1  H  N N 296 
THR HG21 H  N N 297 
THR HG22 H  N N 298 
THR HG23 H  N N 299 
THR HXT  H  N N 300 
TRP N    N  N N 301 
TRP CA   C  N S 302 
TRP C    C  N N 303 
TRP O    O  N N 304 
TRP CB   C  N N 305 
TRP CG   C  Y N 306 
TRP CD1  C  Y N 307 
TRP CD2  C  Y N 308 
TRP NE1  N  Y N 309 
TRP CE2  C  Y N 310 
TRP CE3  C  Y N 311 
TRP CZ2  C  Y N 312 
TRP CZ3  C  Y N 313 
TRP CH2  C  Y N 314 
TRP OXT  O  N N 315 
TRP H    H  N N 316 
TRP H2   H  N N 317 
TRP HA   H  N N 318 
TRP HB2  H  N N 319 
TRP HB3  H  N N 320 
TRP HD1  H  N N 321 
TRP HE1  H  N N 322 
TRP HE3  H  N N 323 
TRP HZ2  H  N N 324 
TRP HZ3  H  N N 325 
TRP HH2  H  N N 326 
TRP HXT  H  N N 327 
TYR N    N  N N 328 
TYR CA   C  N S 329 
TYR C    C  N N 330 
TYR O    O  N N 331 
TYR CB   C  N N 332 
TYR CG   C  Y N 333 
TYR CD1  C  Y N 334 
TYR CD2  C  Y N 335 
TYR CE1  C  Y N 336 
TYR CE2  C  Y N 337 
TYR CZ   C  Y N 338 
TYR OH   O  N N 339 
TYR OXT  O  N N 340 
TYR H    H  N N 341 
TYR H2   H  N N 342 
TYR HA   H  N N 343 
TYR HB2  H  N N 344 
TYR HB3  H  N N 345 
TYR HD1  H  N N 346 
TYR HD2  H  N N 347 
TYR HE1  H  N N 348 
TYR HE2  H  N N 349 
TYR HH   H  N N 350 
TYR HXT  H  N N 351 
VAL N    N  N N 352 
VAL CA   C  N S 353 
VAL C    C  N N 354 
VAL O    O  N N 355 
VAL CB   C  N N 356 
VAL CG1  C  N N 357 
VAL CG2  C  N N 358 
VAL OXT  O  N N 359 
VAL H    H  N N 360 
VAL H2   H  N N 361 
VAL HA   H  N N 362 
VAL HB   H  N N 363 
VAL HG11 H  N N 364 
VAL HG12 H  N N 365 
VAL HG13 H  N N 366 
VAL HG21 H  N N 367 
VAL HG22 H  N N 368 
VAL HG23 H  N N 369 
VAL HXT  H  N N 370 
ZN  ZN   ZN N N 371 
# 
loop_
_chem_comp_bond.comp_id 
_chem_comp_bond.atom_id_1 
_chem_comp_bond.atom_id_2 
_chem_comp_bond.value_order 
_chem_comp_bond.pdbx_aromatic_flag 
_chem_comp_bond.pdbx_stereo_config 
_chem_comp_bond.pdbx_ordinal 
ALA N   CA   sing N N 1   
ALA N   H    sing N N 2   
ALA N   H2   sing N N 3   
ALA CA  C    sing N N 4   
ALA CA  CB   sing N N 5   
ALA CA  HA   sing N N 6   
ALA C   O    doub N N 7   
ALA C   OXT  sing N N 8   
ALA CB  HB1  sing N N 9   
ALA CB  HB2  sing N N 10  
ALA CB  HB3  sing N N 11  
ALA OXT HXT  sing N N 12  
ARG N   CA   sing N N 13  
ARG N   H    sing N N 14  
ARG N   H2   sing N N 15  
ARG CA  C    sing N N 16  
ARG CA  CB   sing N N 17  
ARG CA  HA   sing N N 18  
ARG C   O    doub N N 19  
ARG C   OXT  sing N N 20  
ARG CB  CG   sing N N 21  
ARG CB  HB2  sing N N 22  
ARG CB  HB3  sing N N 23  
ARG CG  CD   sing N N 24  
ARG CG  HG2  sing N N 25  
ARG CG  HG3  sing N N 26  
ARG CD  NE   sing N N 27  
ARG CD  HD2  sing N N 28  
ARG CD  HD3  sing N N 29  
ARG NE  CZ   sing N N 30  
ARG NE  HE   sing N N 31  
ARG CZ  NH1  sing N N 32  
ARG CZ  NH2  doub N N 33  
ARG NH1 HH11 sing N N 34  
ARG NH1 HH12 sing N N 35  
ARG NH2 HH21 sing N N 36  
ARG NH2 HH22 sing N N 37  
ARG OXT HXT  sing N N 38  
ASN N   CA   sing N N 39  
ASN N   H    sing N N 40  
ASN N   H2   sing N N 41  
ASN CA  C    sing N N 42  
ASN CA  CB   sing N N 43  
ASN CA  HA   sing N N 44  
ASN C   O    doub N N 45  
ASN C   OXT  sing N N 46  
ASN CB  CG   sing N N 47  
ASN CB  HB2  sing N N 48  
ASN CB  HB3  sing N N 49  
ASN CG  OD1  doub N N 50  
ASN CG  ND2  sing N N 51  
ASN ND2 HD21 sing N N 52  
ASN ND2 HD22 sing N N 53  
ASN OXT HXT  sing N N 54  
ASP N   CA   sing N N 55  
ASP N   H    sing N N 56  
ASP N   H2   sing N N 57  
ASP CA  C    sing N N 58  
ASP CA  CB   sing N N 59  
ASP CA  HA   sing N N 60  
ASP C   O    doub N N 61  
ASP C   OXT  sing N N 62  
ASP CB  CG   sing N N 63  
ASP CB  HB2  sing N N 64  
ASP CB  HB3  sing N N 65  
ASP CG  OD1  doub N N 66  
ASP CG  OD2  sing N N 67  
ASP OD2 HD2  sing N N 68  
ASP OXT HXT  sing N N 69  
CYS N   CA   sing N N 70  
CYS N   H    sing N N 71  
CYS N   H2   sing N N 72  
CYS CA  C    sing N N 73  
CYS CA  CB   sing N N 74  
CYS CA  HA   sing N N 75  
CYS C   O    doub N N 76  
CYS C   OXT  sing N N 77  
CYS CB  SG   sing N N 78  
CYS CB  HB2  sing N N 79  
CYS CB  HB3  sing N N 80  
CYS SG  HG   sing N N 81  
CYS OXT HXT  sing N N 82  
GLN N   CA   sing N N 83  
GLN N   H    sing N N 84  
GLN N   H2   sing N N 85  
GLN CA  C    sing N N 86  
GLN CA  CB   sing N N 87  
GLN CA  HA   sing N N 88  
GLN C   O    doub N N 89  
GLN C   OXT  sing N N 90  
GLN CB  CG   sing N N 91  
GLN CB  HB2  sing N N 92  
GLN CB  HB3  sing N N 93  
GLN CG  CD   sing N N 94  
GLN CG  HG2  sing N N 95  
GLN CG  HG3  sing N N 96  
GLN CD  OE1  doub N N 97  
GLN CD  NE2  sing N N 98  
GLN NE2 HE21 sing N N 99  
GLN NE2 HE22 sing N N 100 
GLN OXT HXT  sing N N 101 
GLU N   CA   sing N N 102 
GLU N   H    sing N N 103 
GLU N   H2   sing N N 104 
GLU CA  C    sing N N 105 
GLU CA  CB   sing N N 106 
GLU CA  HA   sing N N 107 
GLU C   O    doub N N 108 
GLU C   OXT  sing N N 109 
GLU CB  CG   sing N N 110 
GLU CB  HB2  sing N N 111 
GLU CB  HB3  sing N N 112 
GLU CG  CD   sing N N 113 
GLU CG  HG2  sing N N 114 
GLU CG  HG3  sing N N 115 
GLU CD  OE1  doub N N 116 
GLU CD  OE2  sing N N 117 
GLU OE2 HE2  sing N N 118 
GLU OXT HXT  sing N N 119 
GLY N   CA   sing N N 120 
GLY N   H    sing N N 121 
GLY N   H2   sing N N 122 
GLY CA  C    sing N N 123 
GLY CA  HA2  sing N N 124 
GLY CA  HA3  sing N N 125 
GLY C   O    doub N N 126 
GLY C   OXT  sing N N 127 
GLY OXT HXT  sing N N 128 
HIS N   CA   sing N N 129 
HIS N   H    sing N N 130 
HIS N   H2   sing N N 131 
HIS CA  C    sing N N 132 
HIS CA  CB   sing N N 133 
HIS CA  HA   sing N N 134 
HIS C   O    doub N N 135 
HIS C   OXT  sing N N 136 
HIS CB  CG   sing N N 137 
HIS CB  HB2  sing N N 138 
HIS CB  HB3  sing N N 139 
HIS CG  ND1  sing Y N 140 
HIS CG  CD2  doub Y N 141 
HIS ND1 CE1  doub Y N 142 
HIS ND1 HD1  sing N N 143 
HIS CD2 NE2  sing Y N 144 
HIS CD2 HD2  sing N N 145 
HIS CE1 NE2  sing Y N 146 
HIS CE1 HE1  sing N N 147 
HIS NE2 HE2  sing N N 148 
HIS OXT HXT  sing N N 149 
HOH O   H1   sing N N 150 
HOH O   H2   sing N N 151 
ILE N   CA   sing N N 152 
ILE N   H    sing N N 153 
ILE N   H2   sing N N 154 
ILE CA  C    sing N N 155 
ILE CA  CB   sing N N 156 
ILE CA  HA   sing N N 157 
ILE C   O    doub N N 158 
ILE C   OXT  sing N N 159 
ILE CB  CG1  sing N N 160 
ILE CB  CG2  sing N N 161 
ILE CB  HB   sing N N 162 
ILE CG1 CD1  sing N N 163 
ILE CG1 HG12 sing N N 164 
ILE CG1 HG13 sing N N 165 
ILE CG2 HG21 sing N N 166 
ILE CG2 HG22 sing N N 167 
ILE CG2 HG23 sing N N 168 
ILE CD1 HD11 sing N N 169 
ILE CD1 HD12 sing N N 170 
ILE CD1 HD13 sing N N 171 
ILE OXT HXT  sing N N 172 
LEU N   CA   sing N N 173 
LEU N   H    sing N N 174 
LEU N   H2   sing N N 175 
LEU CA  C    sing N N 176 
LEU CA  CB   sing N N 177 
LEU CA  HA   sing N N 178 
LEU C   O    doub N N 179 
LEU C   OXT  sing N N 180 
LEU CB  CG   sing N N 181 
LEU CB  HB2  sing N N 182 
LEU CB  HB3  sing N N 183 
LEU CG  CD1  sing N N 184 
LEU CG  CD2  sing N N 185 
LEU CG  HG   sing N N 186 
LEU CD1 HD11 sing N N 187 
LEU CD1 HD12 sing N N 188 
LEU CD1 HD13 sing N N 189 
LEU CD2 HD21 sing N N 190 
LEU CD2 HD22 sing N N 191 
LEU CD2 HD23 sing N N 192 
LEU OXT HXT  sing N N 193 
LYS N   CA   sing N N 194 
LYS N   H    sing N N 195 
LYS N   H2   sing N N 196 
LYS CA  C    sing N N 197 
LYS CA  CB   sing N N 198 
LYS CA  HA   sing N N 199 
LYS C   O    doub N N 200 
LYS C   OXT  sing N N 201 
LYS CB  CG   sing N N 202 
LYS CB  HB2  sing N N 203 
LYS CB  HB3  sing N N 204 
LYS CG  CD   sing N N 205 
LYS CG  HG2  sing N N 206 
LYS CG  HG3  sing N N 207 
LYS CD  CE   sing N N 208 
LYS CD  HD2  sing N N 209 
LYS CD  HD3  sing N N 210 
LYS CE  NZ   sing N N 211 
LYS CE  HE2  sing N N 212 
LYS CE  HE3  sing N N 213 
LYS NZ  HZ1  sing N N 214 
LYS NZ  HZ2  sing N N 215 
LYS NZ  HZ3  sing N N 216 
LYS OXT HXT  sing N N 217 
PHE N   CA   sing N N 218 
PHE N   H    sing N N 219 
PHE N   H2   sing N N 220 
PHE CA  C    sing N N 221 
PHE CA  CB   sing N N 222 
PHE CA  HA   sing N N 223 
PHE C   O    doub N N 224 
PHE C   OXT  sing N N 225 
PHE CB  CG   sing N N 226 
PHE CB  HB2  sing N N 227 
PHE CB  HB3  sing N N 228 
PHE CG  CD1  doub Y N 229 
PHE CG  CD2  sing Y N 230 
PHE CD1 CE1  sing Y N 231 
PHE CD1 HD1  sing N N 232 
PHE CD2 CE2  doub Y N 233 
PHE CD2 HD2  sing N N 234 
PHE CE1 CZ   doub Y N 235 
PHE CE1 HE1  sing N N 236 
PHE CE2 CZ   sing Y N 237 
PHE CE2 HE2  sing N N 238 
PHE CZ  HZ   sing N N 239 
PHE OXT HXT  sing N N 240 
PRO N   CA   sing N N 241 
PRO N   CD   sing N N 242 
PRO N   H    sing N N 243 
PRO CA  C    sing N N 244 
PRO CA  CB   sing N N 245 
PRO CA  HA   sing N N 246 
PRO C   O    doub N N 247 
PRO C   OXT  sing N N 248 
PRO CB  CG   sing N N 249 
PRO CB  HB2  sing N N 250 
PRO CB  HB3  sing N N 251 
PRO CG  CD   sing N N 252 
PRO CG  HG2  sing N N 253 
PRO CG  HG3  sing N N 254 
PRO CD  HD2  sing N N 255 
PRO CD  HD3  sing N N 256 
PRO OXT HXT  sing N N 257 
SER N   CA   sing N N 258 
SER N   H    sing N N 259 
SER N   H2   sing N N 260 
SER CA  C    sing N N 261 
SER CA  CB   sing N N 262 
SER CA  HA   sing N N 263 
SER C   O    doub N N 264 
SER C   OXT  sing N N 265 
SER CB  OG   sing N N 266 
SER CB  HB2  sing N N 267 
SER CB  HB3  sing N N 268 
SER OG  HG   sing N N 269 
SER OXT HXT  sing N N 270 
THR N   CA   sing N N 271 
THR N   H    sing N N 272 
THR N   H2   sing N N 273 
THR CA  C    sing N N 274 
THR CA  CB   sing N N 275 
THR CA  HA   sing N N 276 
THR C   O    doub N N 277 
THR C   OXT  sing N N 278 
THR CB  OG1  sing N N 279 
THR CB  CG2  sing N N 280 
THR CB  HB   sing N N 281 
THR OG1 HG1  sing N N 282 
THR CG2 HG21 sing N N 283 
THR CG2 HG22 sing N N 284 
THR CG2 HG23 sing N N 285 
THR OXT HXT  sing N N 286 
TRP N   CA   sing N N 287 
TRP N   H    sing N N 288 
TRP N   H2   sing N N 289 
TRP CA  C    sing N N 290 
TRP CA  CB   sing N N 291 
TRP CA  HA   sing N N 292 
TRP C   O    doub N N 293 
TRP C   OXT  sing N N 294 
TRP CB  CG   sing N N 295 
TRP CB  HB2  sing N N 296 
TRP CB  HB3  sing N N 297 
TRP CG  CD1  doub Y N 298 
TRP CG  CD2  sing Y N 299 
TRP CD1 NE1  sing Y N 300 
TRP CD1 HD1  sing N N 301 
TRP CD2 CE2  doub Y N 302 
TRP CD2 CE3  sing Y N 303 
TRP NE1 CE2  sing Y N 304 
TRP NE1 HE1  sing N N 305 
TRP CE2 CZ2  sing Y N 306 
TRP CE3 CZ3  doub Y N 307 
TRP CE3 HE3  sing N N 308 
TRP CZ2 CH2  doub Y N 309 
TRP CZ2 HZ2  sing N N 310 
TRP CZ3 CH2  sing Y N 311 
TRP CZ3 HZ3  sing N N 312 
TRP CH2 HH2  sing N N 313 
TRP OXT HXT  sing N N 314 
TYR N   CA   sing N N 315 
TYR N   H    sing N N 316 
TYR N   H2   sing N N 317 
TYR CA  C    sing N N 318 
TYR CA  CB   sing N N 319 
TYR CA  HA   sing N N 320 
TYR C   O    doub N N 321 
TYR C   OXT  sing N N 322 
TYR CB  CG   sing N N 323 
TYR CB  HB2  sing N N 324 
TYR CB  HB3  sing N N 325 
TYR CG  CD1  doub Y N 326 
TYR CG  CD2  sing Y N 327 
TYR CD1 CE1  sing Y N 328 
TYR CD1 HD1  sing N N 329 
TYR CD2 CE2  doub Y N 330 
TYR CD2 HD2  sing N N 331 
TYR CE1 CZ   doub Y N 332 
TYR CE1 HE1  sing N N 333 
TYR CE2 CZ   sing Y N 334 
TYR CE2 HE2  sing N N 335 
TYR CZ  OH   sing N N 336 
TYR OH  HH   sing N N 337 
TYR OXT HXT  sing N N 338 
VAL N   CA   sing N N 339 
VAL N   H    sing N N 340 
VAL N   H2   sing N N 341 
VAL CA  C    sing N N 342 
VAL CA  CB   sing N N 343 
VAL CA  HA   sing N N 344 
VAL C   O    doub N N 345 
VAL C   OXT  sing N N 346 
VAL CB  CG1  sing N N 347 
VAL CB  CG2  sing N N 348 
VAL CB  HB   sing N N 349 
VAL CG1 HG11 sing N N 350 
VAL CG1 HG12 sing N N 351 
VAL CG1 HG13 sing N N 352 
VAL CG2 HG21 sing N N 353 
VAL CG2 HG22 sing N N 354 
VAL CG2 HG23 sing N N 355 
VAL OXT HXT  sing N N 356 
# 
_pdbx_initial_refinement_model.id               1 
_pdbx_initial_refinement_model.entity_id_list   ? 
_pdbx_initial_refinement_model.type             'experimental model' 
_pdbx_initial_refinement_model.source_name      PDB 
_pdbx_initial_refinement_model.accession_code   3NIS 
_pdbx_initial_refinement_model.details          'PDB ENTRY 3NIS' 
# 
_atom_sites.entry_id                    3NII 
_atom_sites.fract_transf_matrix[1][1]   -0.01395864 
_atom_sites.fract_transf_matrix[1][2]   0.00135134 
_atom_sites.fract_transf_matrix[1][3]   0.01405695 
_atom_sites.fract_transf_matrix[2][1]   -0.00887269 
_atom_sites.fract_transf_matrix[2][2]   -0.01641397 
_atom_sites.fract_transf_matrix[2][3]   0.00679099 
_atom_sites.fract_transf_matrix[3][1]   0.00633839 
_atom_sites.fract_transf_matrix[3][2]   -0.00079075 
_atom_sites.fract_transf_matrix[3][3]   0.00637008 
_atom_sites.fract_transf_vector[1]      0.419441 
_atom_sites.fract_transf_vector[2]      0.197556 
_atom_sites.fract_transf_vector[3]      -0.063999 
# 
loop_
_atom_type.symbol 
C  
N  
O  
S  
ZN 
# 
loop_
_atom_site.group_PDB 
_atom_site.id 
_atom_site.type_symbol 
_atom_site.label_atom_id 
_atom_site.label_alt_id 
_atom_site.label_comp_id 
_atom_site.label_asym_id 
_atom_site.label_entity_id 
_atom_site.label_seq_id 
_atom_site.pdbx_PDB_ins_code 
_atom_site.Cartn_x 
_atom_site.Cartn_y 
_atom_site.Cartn_z 
_atom_site.occupancy 
_atom_site.B_iso_or_equiv 
_atom_site.pdbx_formal_charge 
_atom_site.auth_seq_id 
_atom_site.auth_comp_id 
_atom_site.auth_asym_id 
_atom_site.auth_atom_id 
_atom_site.pdbx_PDB_model_num 
ATOM   1   N  N   . VAL A 1 3  ? -0.452  -17.686 1.629   1.00 95.88  ? 115 VAL A N   1 
ATOM   2   C  CA  . VAL A 1 3  ? 0.222   -16.590 0.877   1.00 90.61  ? 115 VAL A CA  1 
ATOM   3   C  C   . VAL A 1 3  ? -0.583  -15.296 1.019   1.00 82.52  ? 115 VAL A C   1 
ATOM   4   O  O   . VAL A 1 3  ? -1.795  -15.327 1.241   1.00 81.48  ? 115 VAL A O   1 
ATOM   5   C  CB  . VAL A 1 3  ? 0.421   -16.946 -0.624  1.00 93.55  ? 115 VAL A CB  1 
ATOM   6   C  CG1 . VAL A 1 3  ? 1.581   -16.151 -1.216  1.00 91.49  ? 115 VAL A CG1 1 
ATOM   7   C  CG2 . VAL A 1 3  ? 0.680   -18.436 -0.803  1.00 103.41 ? 115 VAL A CG2 1 
ATOM   8   N  N   . HIS A 1 4  ? 0.101   -14.162 0.891   1.00 77.62  ? 116 HIS A N   1 
ATOM   9   C  CA  . HIS A 1 4  ? -0.514  -12.845 1.066   1.00 70.71  ? 116 HIS A CA  1 
ATOM   10  C  C   . HIS A 1 4  ? -1.278  -12.380 -0.179  1.00 68.31  ? 116 HIS A C   1 
ATOM   11  O  O   . HIS A 1 4  ? -1.755  -11.241 -0.239  1.00 63.37  ? 116 HIS A O   1 
ATOM   12  C  CB  . HIS A 1 4  ? 0.545   -11.813 1.453   1.00 67.39  ? 116 HIS A CB  1 
ATOM   13  C  CG  . HIS A 1 4  ? 1.768   -12.405 2.079   1.00 71.38  ? 116 HIS A CG  1 
ATOM   14  N  ND1 . HIS A 1 4  ? 1.813   -12.803 3.397   1.00 73.80  ? 116 HIS A ND1 1 
ATOM   15  C  CD2 . HIS A 1 4  ? 2.994   -12.661 1.565   1.00 75.02  ? 116 HIS A CD2 1 
ATOM   16  C  CE1 . HIS A 1 4  ? 3.014   -13.286 3.667   1.00 78.62  ? 116 HIS A CE1 1 
ATOM   17  N  NE2 . HIS A 1 4  ? 3.750   -13.208 2.572   1.00 79.40  ? 116 HIS A NE2 1 
ATOM   18  N  N   . LYS A 1 5  ? -1.394  -13.273 -1.164  1.00 72.60  ? 117 LYS A N   1 
ATOM   19  C  CA  . LYS A 1 5  ? -2.176  -13.032 -2.375  1.00 71.92  ? 117 LYS A CA  1 
ATOM   20  C  C   . LYS A 1 5  ? -3.637  -12.784 -2.017  1.00 70.02  ? 117 LYS A C   1 
ATOM   21  O  O   . LYS A 1 5  ? -4.159  -13.370 -1.066  1.00 71.66  ? 117 LYS A O   1 
ATOM   22  C  CB  . LYS A 1 5  ? -2.084  -14.231 -3.323  1.00 78.56  ? 117 LYS A CB  1 
ATOM   23  C  CG  . LYS A 1 5  ? -0.681  -14.554 -3.808  1.00 82.15  ? 117 LYS A CG  1 
ATOM   24  C  CD  . LYS A 1 5  ? -0.662  -15.812 -4.664  1.00 90.09  ? 117 LYS A CD  1 
ATOM   25  C  CE  . LYS A 1 5  ? 0.752   -16.142 -5.124  1.00 94.84  ? 117 LYS A CE  1 
ATOM   26  N  NZ  . LYS A 1 5  ? 0.801   -17.370 -5.964  1.00 103.78 ? 117 LYS A NZ  1 
ATOM   27  N  N   . HIS A 1 6  ? -4.285  -11.906 -2.778  1.00 67.07  ? 118 HIS A N   1 
ATOM   28  C  CA  . HIS A 1 6  ? -5.690  -11.568 -2.552  1.00 65.71  ? 118 HIS A CA  1 
ATOM   29  C  C   . HIS A 1 6  ? -6.405  -11.277 -3.874  1.00 66.51  ? 118 HIS A C   1 
ATOM   30  O  O   . HIS A 1 6  ? -7.227  -10.360 -3.966  1.00 64.41  ? 118 HIS A O   1 
ATOM   31  C  CB  . HIS A 1 6  ? -5.802  -10.383 -1.586  1.00 60.89  ? 118 HIS A CB  1 
ATOM   32  C  CG  . HIS A 1 6  ? -5.160  -9.130  -2.089  1.00 56.80  ? 118 HIS A CG  1 
ATOM   33  N  ND1 . HIS A 1 6  ? -5.836  -8.209  -2.860  1.00 55.14  ? 118 HIS A ND1 1 
ATOM   34  C  CD2 . HIS A 1 6  ? -3.903  -8.647  -1.942  1.00 53.96  ? 118 HIS A CD2 1 
ATOM   35  C  CE1 . HIS A 1 6  ? -5.025  -7.211  -3.160  1.00 51.30  ? 118 HIS A CE1 1 
ATOM   36  N  NE2 . HIS A 1 6  ? -3.848  -7.453  -2.613  1.00 50.81  ? 118 HIS A NE2 1 
ATOM   37  N  N   . THR A 1 7  ? -6.082  -12.079 -4.887  1.00 70.47  ? 119 THR A N   1 
ATOM   38  C  CA  . THR A 1 7  ? -6.642  -11.950 -6.234  1.00 72.58  ? 119 THR A CA  1 
ATOM   39  C  C   . THR A 1 7  ? -8.144  -11.660 -6.228  1.00 72.34  ? 119 THR A C   1 
ATOM   40  O  O   . THR A 1 7  ? -8.920  -12.377 -5.593  1.00 74.75  ? 119 THR A O   1 
ATOM   41  C  CB  . THR A 1 7  ? -6.380  -13.233 -7.066  1.00 79.49  ? 119 THR A CB  1 
ATOM   42  O  OG1 . THR A 1 7  ? -5.043  -13.694 -6.834  1.00 80.82  ? 119 THR A OG1 1 
ATOM   43  C  CG2 . THR A 1 7  ? -6.572  -12.970 -8.559  1.00 82.48  ? 119 THR A CG2 1 
ATOM   44  N  N   . GLY A 1 8  ? -8.536  -10.591 -6.921  1.00 70.03  ? 120 GLY A N   1 
ATOM   45  C  CA  . GLY A 1 8  ? -9.949  -10.268 -7.141  1.00 70.78  ? 120 GLY A CA  1 
ATOM   46  C  C   . GLY A 1 8  ? -10.632 -9.446  -6.060  1.00 66.79  ? 120 GLY A C   1 
ATOM   47  O  O   . GLY A 1 8  ? -11.833 -9.181  -6.147  1.00 69.02  ? 120 GLY A O   1 
ATOM   48  N  N   . ARG A 1 9  ? -9.875  -9.056  -5.038  1.00 61.55  ? 121 ARG A N   1 
ATOM   49  C  CA  . ARG A 1 9  ? -10.402 -8.205  -3.966  1.00 57.95  ? 121 ARG A CA  1 
ATOM   50  C  C   . ARG A 1 9  ? -9.298  -7.337  -3.367  1.00 52.53  ? 121 ARG A C   1 
ATOM   51  O  O   . ARG A 1 9  ? -8.133  -7.443  -3.759  1.00 51.09  ? 121 ARG A O   1 
ATOM   52  C  CB  . ARG A 1 9  ? -11.116 -9.037  -2.879  1.00 60.16  ? 121 ARG A CB  1 
ATOM   53  C  CG  . ARG A 1 9  ? -10.333 -10.244 -2.365  1.00 60.46  ? 121 ARG A CG  1 
ATOM   54  C  CD  . ARG A 1 9  ? -10.703 -10.590 -0.930  1.00 59.82  ? 121 ARG A CD  1 
ATOM   55  N  NE  . ARG A 1 9  ? -10.076 -9.673  0.018   1.00 54.55  ? 121 ARG A NE  1 
ATOM   56  C  CZ  . ARG A 1 9  ? -9.986  -9.876  1.329   1.00 53.72  ? 121 ARG A CZ  1 
ATOM   57  N  NH1 . ARG A 1 9  ? -10.491 -10.975 1.873   1.00 57.88  ? 121 ARG A NH1 1 
ATOM   58  N  NH2 . ARG A 1 9  ? -9.393  -8.972  2.098   1.00 48.29  ? 121 ARG A NH2 1 
ATOM   59  N  N   . ASN A 1 10 ? -9.670  -6.464  -2.433  1.00 49.70  ? 122 ASN A N   1 
ATOM   60  C  CA  . ASN A 1 10 ? -8.706  -5.606  -1.755  1.00 44.82  ? 122 ASN A CA  1 
ATOM   61  C  C   . ASN A 1 10 ? -7.840  -6.416  -0.783  1.00 43.52  ? 122 ASN A C   1 
ATOM   62  O  O   . ASN A 1 10 ? -8.247  -7.495  -0.325  1.00 45.62  ? 122 ASN A O   1 
ATOM   63  C  CB  . ASN A 1 10 ? -9.433  -4.483  -1.007  1.00 44.73  ? 122 ASN A CB  1 
ATOM   64  C  CG  . ASN A 1 10 ? -10.207 -4.989  0.204   1.00 46.51  ? 122 ASN A CG  1 
ATOM   65  O  OD1 . ASN A 1 10 ? -11.107 -5.822  0.079   1.00 49.36  ? 122 ASN A OD1 1 
ATOM   66  N  ND2 . ASN A 1 10 ? -9.855  -4.489  1.384   1.00 45.18  ? 122 ASN A ND2 1 
ATOM   67  N  N   . CYS A 1 11 ? -6.650  -5.904  -0.471  1.00 39.84  ? 123 CYS A N   1 
ATOM   68  C  CA  . CYS A 1 11 ? -5.795  -6.545  0.523   1.00 39.40  ? 123 CYS A CA  1 
ATOM   69  C  C   . CYS A 1 11 ? -6.417  -6.405  1.912   1.00 40.08  ? 123 CYS A C   1 
ATOM   70  O  O   . CYS A 1 11 ? -6.825  -7.402  2.529   1.00 42.56  ? 123 CYS A O   1 
ATOM   71  C  CB  . CYS A 1 11 ? -4.372  -5.974  0.489   1.00 37.07  ? 123 CYS A CB  1 
ATOM   72  S  SG  . CYS A 1 11 ? -3.273  -6.730  1.704   1.00 37.84  ? 123 CYS A SG  1 
ATOM   73  N  N   . GLY A 1 12 ? -6.515  -5.169  2.390   1.00 38.29  ? 124 GLY A N   1 
ATOM   74  C  CA  . GLY A 1 12 ? -7.121  -4.900  3.690   1.00 40.45  ? 124 GLY A CA  1 
ATOM   75  C  C   . GLY A 1 12 ? -6.297  -5.347  4.893   1.00 41.61  ? 124 GLY A C   1 
ATOM   76  O  O   . GLY A 1 12 ? -6.777  -5.286  6.024   1.00 43.74  ? 124 GLY A O   1 
ATOM   77  N  N   . ARG A 1 13 ? -5.072  -5.813  4.650   1.00 40.94  ? 125 ARG A N   1 
ATOM   78  C  CA  . ARG A 1 13 ? -4.150  -6.207  5.727   1.00 43.08  ? 125 ARG A CA  1 
ATOM   79  C  C   . ARG A 1 13 ? -3.935  -5.043  6.685   1.00 42.76  ? 125 ARG A C   1 
ATOM   80  O  O   . ARG A 1 13 ? -3.482  -3.978  6.279   1.00 40.11  ? 125 ARG A O   1 
ATOM   81  C  CB  . ARG A 1 13 ? -2.802  -6.668  5.157   1.00 42.34  ? 125 ARG A CB  1 
ATOM   82  C  CG  . ARG A 1 13 ? -1.727  -6.961  6.210   1.00 44.75  ? 125 ARG A CG  1 
ATOM   83  C  CD  . ARG A 1 13 ? -0.446  -7.463  5.559   1.00 46.23  ? 125 ARG A CD  1 
ATOM   84  N  NE  . ARG A 1 13 ? -0.467  -8.914  5.430   1.00 52.97  ? 125 ARG A NE  1 
ATOM   85  C  CZ  . ARG A 1 13 ? 0.043   -9.747  6.331   1.00 58.68  ? 125 ARG A CZ  1 
ATOM   86  N  NH1 . ARG A 1 13 ? 0.640   -9.270  7.420   1.00 60.70  ? 125 ARG A NH1 1 
ATOM   87  N  NH2 . ARG A 1 13 ? -0.031  -11.059 6.142   1.00 62.89  ? 125 ARG A NH2 1 
ATOM   88  N  N   . LYS A 1 14 ? -4.282  -5.257  7.948   1.00 46.68  ? 126 LYS A N   1 
ATOM   89  C  CA  . LYS A 1 14 ? -4.131  -4.242  8.984   1.00 48.61  ? 126 LYS A CA  1 
ATOM   90  C  C   . LYS A 1 14 ? -2.669  -4.139  9.419   1.00 48.77  ? 126 LYS A C   1 
ATOM   91  O  O   . LYS A 1 14 ? -2.020  -5.155  9.682   1.00 51.17  ? 126 LYS A O   1 
ATOM   92  C  CB  . LYS A 1 14 ? -5.030  -4.574  10.178  1.00 53.07  ? 126 LYS A CB  1 
ATOM   93  C  CG  . LYS A 1 14 ? -5.012  -3.550  11.310  1.00 57.32  ? 126 LYS A CG  1 
ATOM   94  C  CD  . LYS A 1 14 ? -6.101  -2.491  11.152  1.00 59.32  ? 126 LYS A CD  1 
ATOM   95  C  CE  . LYS A 1 14 ? -6.453  -1.861  12.499  1.00 65.94  ? 126 LYS A CE  1 
ATOM   96  N  NZ  . LYS A 1 14 ? -5.331  -1.052  13.065  1.00 66.69  ? 126 LYS A NZ  1 
ATOM   97  N  N   . PHE A 1 15 ? -2.160  -2.911  9.493   1.00 47.48  ? 127 PHE A N   1 
ATOM   98  C  CA  . PHE A 1 15 ? -0.790  -2.670  9.931   1.00 47.92  ? 127 PHE A CA  1 
ATOM   99  C  C   . PHE A 1 15 ? -0.648  -2.782  11.445  1.00 52.82  ? 127 PHE A C   1 
ATOM   100 O  O   . PHE A 1 15 ? -1.544  -2.402  12.199  1.00 54.90  ? 127 PHE A O   1 
ATOM   101 C  CB  . PHE A 1 15 ? -0.289  -1.296  9.467   1.00 45.54  ? 127 PHE A CB  1 
ATOM   102 C  CG  . PHE A 1 15 ? -0.165  -1.166  7.975   1.00 41.66  ? 127 PHE A CG  1 
ATOM   103 C  CD1 . PHE A 1 15 ? 0.970   -1.623  7.316   1.00 39.89  ? 127 PHE A CD1 1 
ATOM   104 C  CD2 . PHE A 1 15 ? -1.189  -0.592  7.229   1.00 39.99  ? 127 PHE A CD2 1 
ATOM   105 C  CE1 . PHE A 1 15 ? 1.084   -1.508  5.933   1.00 37.38  ? 127 PHE A CE1 1 
ATOM   106 C  CE2 . PHE A 1 15 ? -1.086  -0.470  5.838   1.00 36.53  ? 127 PHE A CE2 1 
ATOM   107 C  CZ  . PHE A 1 15 ? 0.044   -0.927  5.190   1.00 34.96  ? 127 PHE A CZ  1 
ATOM   108 N  N   . LYS A 1 16 ? 0.497   -3.308  11.868  1.00 55.02  ? 128 LYS A N   1 
ATOM   109 C  CA  . LYS A 1 16 ? 0.854   -3.391  13.278  1.00 60.74  ? 128 LYS A CA  1 
ATOM   110 C  C   . LYS A 1 16 ? 1.979   -2.398  13.568  1.00 61.23  ? 128 LYS A C   1 
ATOM   111 O  O   . LYS A 1 16 ? 2.672   -1.953  12.649  1.00 57.78  ? 128 LYS A O   1 
ATOM   112 C  CB  . LYS A 1 16 ? 1.299   -4.811  13.628  1.00 64.11  ? 128 LYS A CB  1 
ATOM   113 C  CG  . LYS A 1 16 ? 0.212   -5.873  13.455  1.00 65.53  ? 128 LYS A CG  1 
ATOM   114 C  CD  . LYS A 1 16 ? 0.780   -7.283  13.589  1.00 69.37  ? 128 LYS A CD  1 
ATOM   115 C  CE  . LYS A 1 16 ? 0.657   -7.827  15.010  1.00 77.79  ? 128 LYS A CE  1 
ATOM   116 N  NZ  . LYS A 1 16 ? 1.720   -7.325  15.929  1.00 81.89  ? 128 LYS A NZ  1 
ATOM   117 N  N   . ILE A 1 17 ? 2.145   -2.047  14.841  1.00 66.55  ? 129 ILE A N   1 
ATOM   118 C  CA  . ILE A 1 17 ? 3.214   -1.142  15.274  1.00 68.79  ? 129 ILE A CA  1 
ATOM   119 C  C   . ILE A 1 17 ? 4.570   -1.708  14.869  1.00 68.78  ? 129 ILE A C   1 
ATOM   120 O  O   . ILE A 1 17 ? 4.874   -2.875  15.146  1.00 71.48  ? 129 ILE A O   1 
ATOM   121 C  CB  . ILE A 1 17 ? 3.212   -0.905  16.815  1.00 75.75  ? 129 ILE A CB  1 
ATOM   122 C  CG1 . ILE A 1 17 ? 1.788   -0.794  17.388  1.00 78.24  ? 129 ILE A CG1 1 
ATOM   123 C  CG2 . ILE A 1 17 ? 4.106   0.296   17.199  1.00 78.33  ? 129 ILE A CG2 1 
ATOM   124 C  CD1 . ILE A 1 17 ? 0.899   0.270   16.755  1.00 75.63  ? 129 ILE A CD1 1 
ATOM   125 N  N   . GLY A 1 18 ? 5.372   -0.878  14.205  1.00 66.52  ? 130 GLY A N   1 
ATOM   126 C  CA  . GLY A 1 18 ? 6.719   -1.258  13.799  1.00 67.32  ? 130 GLY A CA  1 
ATOM   127 C  C   . GLY A 1 18 ? 6.834   -1.793  12.386  1.00 63.16  ? 130 GLY A C   1 
ATOM   128 O  O   . GLY A 1 18 ? 7.940   -1.969  11.873  1.00 63.66  ? 130 GLY A O   1 
ATOM   129 N  N   . GLU A 1 19 ? 5.690   -2.052  11.758  1.00 59.69  ? 131 GLU A N   1 
ATOM   130 C  CA  . GLU A 1 19 ? 5.647   -2.562  10.388  1.00 56.19  ? 131 GLU A CA  1 
ATOM   131 C  C   . GLU A 1 19 ? 5.856   -1.435  9.368   1.00 52.43  ? 131 GLU A C   1 
ATOM   132 O  O   . GLU A 1 19 ? 5.522   -0.277  9.647   1.00 51.49  ? 131 GLU A O   1 
ATOM   133 C  CB  . GLU A 1 19 ? 4.322   -3.304  10.127  1.00 54.79  ? 131 GLU A CB  1 
ATOM   134 C  CG  . GLU A 1 19 ? 4.118   -4.542  11.017  1.00 58.74  ? 131 GLU A CG  1 
ATOM   135 C  CD  . GLU A 1 19 ? 2.946   -5.418  10.601  1.00 58.50  ? 131 GLU A CD  1 
ATOM   136 O  OE1 . GLU A 1 19 ? 1.972   -4.901  10.006  1.00 54.25  ? 131 GLU A OE1 1 
ATOM   137 O  OE2 . GLU A 1 19 ? 2.988   -6.633  10.892  1.00 62.77  ? 131 GLU A OE2 1 
ATOM   138 N  N   . PRO A 1 20 ? 6.421   -1.764  8.188   1.00 50.88  ? 132 PRO A N   1 
ATOM   139 C  CA  . PRO A 1 20 ? 6.608   -0.745  7.161   1.00 47.95  ? 132 PRO A CA  1 
ATOM   140 C  C   . PRO A 1 20 ? 5.326   -0.459  6.379   1.00 44.51  ? 132 PRO A C   1 
ATOM   141 O  O   . PRO A 1 20 ? 4.581   -1.384  6.046   1.00 44.23  ? 132 PRO A O   1 
ATOM   142 C  CB  . PRO A 1 20 ? 7.676   -1.353  6.234   1.00 48.61  ? 132 PRO A CB  1 
ATOM   143 C  CG  . PRO A 1 20 ? 7.986   -2.728  6.779   1.00 52.55  ? 132 PRO A CG  1 
ATOM   144 C  CD  . PRO A 1 20 ? 6.914   -3.080  7.747   1.00 52.77  ? 132 PRO A CD  1 
ATOM   145 N  N   . LEU A 1 21 ? 5.072   0.817   6.108   1.00 43.07  ? 133 LEU A N   1 
ATOM   146 C  CA  . LEU A 1 21 ? 3.958   1.216   5.249   1.00 40.59  ? 133 LEU A CA  1 
ATOM   147 C  C   . LEU A 1 21 ? 4.464   2.062   4.085   1.00 38.74  ? 133 LEU A C   1 
ATOM   148 O  O   . LEU A 1 21 ? 5.351   2.897   4.255   1.00 40.05  ? 133 LEU A O   1 
ATOM   149 C  CB  . LEU A 1 21 ? 2.858   1.928   6.051   1.00 41.60  ? 133 LEU A CB  1 
ATOM   150 C  CG  . LEU A 1 21 ? 3.123   3.269   6.737   1.00 44.35  ? 133 LEU A CG  1 
ATOM   151 C  CD1 . LEU A 1 21 ? 2.528   4.406   5.916   1.00 44.73  ? 133 LEU A CD1 1 
ATOM   152 C  CD2 . LEU A 1 21 ? 2.531   3.256   8.137   1.00 48.20  ? 133 LEU A CD2 1 
ATOM   153 N  N   . TYR A 1 22 ? 3.902   1.823   2.904   1.00 36.63  ? 134 TYR A N   1 
ATOM   154 C  CA  . TYR A 1 22 ? 4.362   2.449   1.669   1.00 35.12  ? 134 TYR A CA  1 
ATOM   155 C  C   . TYR A 1 22 ? 3.301   3.379   1.078   1.00 34.21  ? 134 TYR A C   1 
ATOM   156 O  O   . TYR A 1 22 ? 2.156   2.970   0.843   1.00 33.20  ? 134 TYR A O   1 
ATOM   157 C  CB  . TYR A 1 22 ? 4.746   1.382   0.641   1.00 35.18  ? 134 TYR A CB  1 
ATOM   158 C  CG  . TYR A 1 22 ? 5.966   0.552   1.001   1.00 37.80  ? 134 TYR A CG  1 
ATOM   159 C  CD1 . TYR A 1 22 ? 7.214   0.851   0.457   1.00 39.48  ? 134 TYR A CD1 1 
ATOM   160 C  CD2 . TYR A 1 22 ? 5.875   -0.531  1.879   1.00 39.22  ? 134 TYR A CD2 1 
ATOM   161 C  CE1 . TYR A 1 22 ? 8.344   0.094   0.775   1.00 42.01  ? 134 TYR A CE1 1 
ATOM   162 C  CE2 . TYR A 1 22 ? 7.002   -1.296  2.205   1.00 42.36  ? 134 TYR A CE2 1 
ATOM   163 C  CZ  . TYR A 1 22 ? 8.233   -0.972  1.645   1.00 44.17  ? 134 TYR A CZ  1 
ATOM   164 O  OH  . TYR A 1 22 ? 9.360   -1.711  1.951   1.00 48.08  ? 134 TYR A OH  1 
ATOM   165 N  N   . ARG A 1 23 ? 3.705   4.626   0.845   1.00 34.55  ? 135 ARG A N   1 
ATOM   166 C  CA  . ARG A 1 23 ? 2.880   5.639   0.188   1.00 34.73  ? 135 ARG A CA  1 
ATOM   167 C  C   . ARG A 1 23 ? 3.586   6.138   -1.072  1.00 34.43  ? 135 ARG A C   1 
ATOM   168 O  O   . ARG A 1 23 ? 4.815   6.185   -1.117  1.00 34.69  ? 135 ARG A O   1 
ATOM   169 C  CB  . ARG A 1 23 ? 2.644   6.817   1.135   1.00 37.35  ? 135 ARG A CB  1 
ATOM   170 C  CG  . ARG A 1 23 ? 1.334   6.758   1.900   1.00 40.03  ? 135 ARG A CG  1 
ATOM   171 C  CD  . ARG A 1 23 ? 1.489   7.110   3.377   1.00 45.05  ? 135 ARG A CD  1 
ATOM   172 N  NE  . ARG A 1 23 ? 2.136   8.398   3.623   1.00 49.80  ? 135 ARG A NE  1 
ATOM   173 C  CZ  . ARG A 1 23 ? 2.137   9.023   4.800   1.00 54.79  ? 135 ARG A CZ  1 
ATOM   174 N  NH1 . ARG A 1 23 ? 1.510   8.495   5.846   1.00 56.02  ? 135 ARG A NH1 1 
ATOM   175 N  NH2 . ARG A 1 23 ? 2.761   10.190  4.932   1.00 58.57  ? 135 ARG A NH2 1 
ATOM   176 N  N   . CYS A 1 24 ? 2.811   6.501   -2.093  1.00 33.80  ? 136 CYS A N   1 
ATOM   177 C  CA  . CYS A 1 24 ? 3.375   7.056   -3.322  1.00 34.49  ? 136 CYS A CA  1 
ATOM   178 C  C   . CYS A 1 24 ? 2.652   8.345   -3.673  1.00 36.54  ? 136 CYS A C   1 
ATOM   179 O  O   . CYS A 1 24 ? 1.426   8.359   -3.784  1.00 37.01  ? 136 CYS A O   1 
ATOM   180 C  CB  . CYS A 1 24 ? 3.277   6.055   -4.478  1.00 34.10  ? 136 CYS A CB  1 
ATOM   181 S  SG  . CYS A 1 24 ? 3.983   6.652   -6.048  1.00 35.49  ? 136 CYS A SG  1 
ATOM   182 N  N   . HIS A 1 25 ? 3.419   9.419   -3.840  1.00 38.28  ? 137 HIS A N   1 
ATOM   183 C  CA  . HIS A 1 25 ? 2.858   10.734  -4.131  1.00 41.59  ? 137 HIS A CA  1 
ATOM   184 C  C   . HIS A 1 25 ? 1.965   10.737  -5.379  1.00 43.32  ? 137 HIS A C   1 
ATOM   185 O  O   . HIS A 1 25 ? 0.844   11.239  -5.335  1.00 45.53  ? 137 HIS A O   1 
ATOM   186 C  CB  . HIS A 1 25 ? 3.961   11.788  -4.263  1.00 43.83  ? 137 HIS A CB  1 
ATOM   187 C  CG  . HIS A 1 25 ? 3.440   13.176  -4.478  1.00 47.86  ? 137 HIS A CG  1 
ATOM   188 N  ND1 . HIS A 1 25 ? 2.794   13.889  -3.491  1.00 49.91  ? 137 HIS A ND1 1 
ATOM   189 C  CD2 . HIS A 1 25 ? 3.453   13.976  -5.571  1.00 50.86  ? 137 HIS A CD2 1 
ATOM   190 C  CE1 . HIS A 1 25 ? 2.436   15.070  -3.965  1.00 54.83  ? 137 HIS A CE1 1 
ATOM   191 N  NE2 . HIS A 1 25 ? 2.824   15.146  -5.226  1.00 54.36  ? 137 HIS A NE2 1 
ATOM   192 N  N   . GLU A 1 26 ? 2.463   10.170  -6.474  1.00 43.03  ? 138 GLU A N   1 
ATOM   193 C  CA  . GLU A 1 26 ? 1.723   10.166  -7.745  1.00 45.90  ? 138 GLU A CA  1 
ATOM   194 C  C   . GLU A 1 26 ? 0.661   9.082   -7.857  1.00 44.59  ? 138 GLU A C   1 
ATOM   195 O  O   . GLU A 1 26 ? -0.396  9.323   -8.437  1.00 47.29  ? 138 GLU A O   1 
ATOM   196 C  CB  . GLU A 1 26 ? 2.658   10.134  -8.966  1.00 47.67  ? 138 GLU A CB  1 
ATOM   197 C  CG  . GLU A 1 26 ? 4.012   9.479   -8.747  1.00 46.48  ? 138 GLU A CG  1 
ATOM   198 C  CD  . GLU A 1 26 ? 4.987   10.389  -8.013  1.00 46.85  ? 138 GLU A CD  1 
ATOM   199 O  OE1 . GLU A 1 26 ? 5.062   11.591  -8.338  1.00 50.85  ? 138 GLU A OE1 1 
ATOM   200 O  OE2 . GLU A 1 26 ? 5.671   9.899   -7.101  1.00 43.51  ? 138 GLU A OE2 1 
ATOM   201 N  N   . CYS A 1 27 ? 0.931   7.898   -7.300  1.00 41.24  ? 139 CYS A N   1 
ATOM   202 C  CA  . CYS A 1 27 ? -0.005  6.780   -7.412  1.00 40.86  ? 139 CYS A CA  1 
ATOM   203 C  C   . CYS A 1 27 ? -1.175  6.899   -6.439  1.00 41.07  ? 139 CYS A C   1 
ATOM   204 O  O   . CYS A 1 27 ? -2.299  6.536   -6.777  1.00 42.61  ? 139 CYS A O   1 
ATOM   205 C  CB  . CYS A 1 27 ? 0.711   5.437   -7.240  1.00 38.70  ? 139 CYS A CB  1 
ATOM   206 S  SG  . CYS A 1 27 ? 1.959   5.119   -8.516  1.00 39.44  ? 139 CYS A SG  1 
ATOM   207 N  N   . GLY A 1 28 ? -0.905  7.417   -5.244  1.00 40.38  ? 140 GLY A N   1 
ATOM   208 C  CA  . GLY A 1 28 ? -1.923  7.580   -4.214  1.00 41.52  ? 140 GLY A CA  1 
ATOM   209 C  C   . GLY A 1 28 ? -2.962  8.643   -4.526  1.00 46.34  ? 140 GLY A C   1 
ATOM   210 O  O   . GLY A 1 28 ? -2.623  9.806   -4.751  1.00 48.54  ? 140 GLY A O   1 
ATOM   211 N  N   . CYS A 1 29 ? -4.226  8.221   -4.533  1.00 48.50  ? 141 CYS A N   1 
ATOM   212 C  CA  . CYS A 1 29 ? -5.380  9.105   -4.672  1.00 54.05  ? 141 CYS A CA  1 
ATOM   213 C  C   . CYS A 1 29 ? -5.280  10.267  -3.684  1.00 56.70  ? 141 CYS A C   1 
ATOM   214 O  O   . CYS A 1 29 ? -5.368  11.429  -4.077  1.00 61.07  ? 141 CYS A O   1 
ATOM   215 C  CB  . CYS A 1 29 ? -6.664  8.306   -4.435  1.00 55.03  ? 141 CYS A CB  1 
ATOM   216 S  SG  . CYS A 1 29 ? -8.183  9.098   -4.933  1.00 63.37  ? 141 CYS A SG  1 
ATOM   217 N  N   . ASP A 1 30 ? -5.096  9.940   -2.407  1.00 54.76  ? 142 ASP A N   1 
ATOM   218 C  CA  . ASP A 1 30 ? -4.743  10.927  -1.388  1.00 57.26  ? 142 ASP A CA  1 
ATOM   219 C  C   . ASP A 1 30 ? -3.626  10.367  -0.508  1.00 53.01  ? 142 ASP A C   1 
ATOM   220 O  O   . ASP A 1 30 ? -3.133  9.270   -0.764  1.00 48.63  ? 142 ASP A O   1 
ATOM   221 C  CB  . ASP A 1 30 ? -5.970  11.374  -0.573  1.00 62.43  ? 142 ASP A CB  1 
ATOM   222 C  CG  . ASP A 1 30 ? -6.604  10.241  0.220   1.00 60.66  ? 142 ASP A CG  1 
ATOM   223 O  OD1 . ASP A 1 30 ? -5.883  9.532   0.952   1.00 56.84  ? 142 ASP A OD1 1 
ATOM   224 O  OD2 . ASP A 1 30 ? -7.838  10.073  0.129   1.00 63.61  ? 142 ASP A OD2 1 
ATOM   225 N  N   . ASP A 1 31 ? -3.233  11.108  0.524   1.00 55.35  ? 143 ASP A N   1 
ATOM   226 C  CA  . ASP A 1 31 ? -2.085  10.714  1.353   1.00 52.51  ? 143 ASP A CA  1 
ATOM   227 C  C   . ASP A 1 31 ? -2.408  9.709   2.460   1.00 50.75  ? 143 ASP A C   1 
ATOM   228 O  O   . ASP A 1 31 ? -1.538  9.366   3.267   1.00 49.45  ? 143 ASP A O   1 
ATOM   229 C  CB  . ASP A 1 31 ? -1.375  11.951  1.922   1.00 56.33  ? 143 ASP A CB  1 
ATOM   230 C  CG  . ASP A 1 31 ? -2.333  12.929  2.568   1.00 63.55  ? 143 ASP A CG  1 
ATOM   231 O  OD1 . ASP A 1 31 ? -2.550  14.016  1.989   1.00 69.12  ? 143 ASP A OD1 1 
ATOM   232 O  OD2 . ASP A 1 31 ? -2.877  12.610  3.650   1.00 65.90  ? 143 ASP A OD2 1 
ATOM   233 N  N   . THR A 1 32 ? -3.653  9.239   2.498   1.00 51.28  ? 144 THR A N   1 
ATOM   234 C  CA  . THR A 1 32 ? -4.039  8.155   3.406   1.00 49.76  ? 144 THR A CA  1 
ATOM   235 C  C   . THR A 1 32 ? -3.942  6.794   2.703   1.00 44.85  ? 144 THR A C   1 
ATOM   236 O  O   . THR A 1 32 ? -4.060  5.744   3.341   1.00 43.53  ? 144 THR A O   1 
ATOM   237 C  CB  . THR A 1 32 ? -5.461  8.355   3.999   1.00 54.31  ? 144 THR A CB  1 
ATOM   238 O  OG1 . THR A 1 32 ? -6.445  8.193   2.970   1.00 55.19  ? 144 THR A OG1 1 
ATOM   239 C  CG2 . THR A 1 32 ? -5.605  9.738   4.634   1.00 60.22  ? 144 THR A CG2 1 
ATOM   240 N  N   . CYS A 1 33 ? -3.710  6.825   1.389   1.00 42.66  ? 145 CYS A N   1 
ATOM   241 C  CA  . CYS A 1 33 ? -3.618  5.615   0.571   1.00 39.06  ? 145 CYS A CA  1 
ATOM   242 C  C   . CYS A 1 33 ? -2.266  4.914   0.714   1.00 35.71  ? 145 CYS A C   1 
ATOM   243 O  O   . CYS A 1 33 ? -1.215  5.497   0.422   1.00 34.84  ? 145 CYS A O   1 
ATOM   244 C  CB  . CYS A 1 33 ? -3.907  5.940   -0.889  1.00 39.48  ? 145 CYS A CB  1 
ATOM   245 S  SG  . CYS A 1 33 ? -5.506  6.749   -1.132  1.00 44.25  ? 145 CYS A SG  1 
ATOM   246 N  N   . VAL A 1 34 ? -2.306  3.659   1.158   1.00 34.32  ? 146 VAL A N   1 
ATOM   247 C  CA  . VAL A 1 34 ? -1.095  2.934   1.565   1.00 32.41  ? 146 VAL A CA  1 
ATOM   248 C  C   . VAL A 1 34 ? -1.018  1.496   1.059   1.00 30.90  ? 146 VAL A C   1 
ATOM   249 O  O   . VAL A 1 34 ? -2.030  0.876   0.749   1.00 30.85  ? 146 VAL A O   1 
ATOM   250 C  CB  . VAL A 1 34 ? -0.926  2.907   3.121   1.00 33.92  ? 146 VAL A CB  1 
ATOM   251 C  CG1 . VAL A 1 34 ? -0.667  4.296   3.661   1.00 36.56  ? 146 VAL A CG1 1 
ATOM   252 C  CG2 . VAL A 1 34 ? -2.145  2.300   3.796   1.00 35.70  ? 146 VAL A CG2 1 
ATOM   253 N  N   . LEU A 1 35 ? 0.204   0.971   1.011   1.00 30.23  ? 147 LEU A N   1 
ATOM   254 C  CA  . LEU A 1 35 ? 0.461   -0.413  0.644   1.00 30.43  ? 147 LEU A CA  1 
ATOM   255 C  C   . LEU A 1 35 ? 1.315   -1.078  1.713   1.00 32.00  ? 147 LEU A C   1 
ATOM   256 O  O   . LEU A 1 35 ? 2.175   -0.432  2.313   1.00 31.82  ? 147 LEU A O   1 
ATOM   257 C  CB  . LEU A 1 35 ? 1.192   -0.486  -0.699  1.00 30.19  ? 147 LEU A CB  1 
ATOM   258 C  CG  . LEU A 1 35 ? 0.459   0.047   -1.933  1.00 29.73  ? 147 LEU A CG  1 
ATOM   259 C  CD1 . LEU A 1 35 ? 1.443   0.405   -3.046  1.00 28.91  ? 147 LEU A CD1 1 
ATOM   260 C  CD2 . LEU A 1 35 ? -0.577  -0.955  -2.423  1.00 29.21  ? 147 LEU A CD2 1 
ATOM   261 N  N   . CYS A 1 36 ? 1.067   -2.365  1.948   1.00 33.77  ? 148 CYS A N   1 
ATOM   262 C  CA  . CYS A 1 36 ? 1.908   -3.156  2.847   1.00 36.49  ? 148 CYS A CA  1 
ATOM   263 C  C   . CYS A 1 36 ? 3.128   -3.683  2.098   1.00 38.01  ? 148 CYS A C   1 
ATOM   264 O  O   . CYS A 1 36 ? 3.191   -3.588  0.869   1.00 37.27  ? 148 CYS A O   1 
ATOM   265 C  CB  . CYS A 1 36 ? 1.111   -4.312  3.464   1.00 38.06  ? 148 CYS A CB  1 
ATOM   266 S  SG  . CYS A 1 36 ? 0.748   -5.693  2.349   1.00 39.04  ? 148 CYS A SG  1 
ATOM   267 N  N   . ILE A 1 37 ? 4.076   -4.256  2.842   1.00 41.38  ? 149 ILE A N   1 
ATOM   268 C  CA  . ILE A 1 37 ? 5.325   -4.770  2.270   1.00 44.54  ? 149 ILE A CA  1 
ATOM   269 C  C   . ILE A 1 37 ? 5.087   -5.944  1.307   1.00 46.65  ? 149 ILE A C   1 
ATOM   270 O  O   . ILE A 1 37 ? 5.815   -6.113  0.335   1.00 48.43  ? 149 ILE A O   1 
ATOM   271 C  CB  . ILE A 1 37 ? 6.385   -5.117  3.381   1.00 48.08  ? 149 ILE A CB  1 
ATOM   272 C  CG1 . ILE A 1 37 ? 7.785   -5.282  2.772   1.00 51.54  ? 149 ILE A CG1 1 
ATOM   273 C  CG2 . ILE A 1 37 ? 5.948   -6.343  4.209   1.00 51.90  ? 149 ILE A CG2 1 
ATOM   274 C  CD1 . ILE A 1 37 ? 8.955   -5.147  3.768   1.00 54.65  ? 149 ILE A CD1 1 
ATOM   275 N  N   . HIS A 1 38 ? 4.045   -6.729  1.564   1.00 47.73  ? 150 HIS A N   1 
ATOM   276 C  CA  . HIS A 1 38 ? 3.721   -7.875  0.714   1.00 50.76  ? 150 HIS A CA  1 
ATOM   277 C  C   . HIS A 1 38 ? 3.104   -7.458  -0.622  1.00 48.79  ? 150 HIS A C   1 
ATOM   278 O  O   . HIS A 1 38 ? 3.141   -8.224  -1.589  1.00 52.03  ? 150 HIS A O   1 
ATOM   279 C  CB  . HIS A 1 38 ? 2.801   -8.848  1.453   1.00 52.91  ? 150 HIS A CB  1 
ATOM   280 C  CG  . HIS A 1 38 ? 3.288   -9.211  2.821   1.00 56.18  ? 150 HIS A CG  1 
ATOM   281 N  ND1 . HIS A 1 38 ? 4.566   -9.668  3.058   1.00 60.62  ? 150 HIS A ND1 1 
ATOM   282 C  CD2 . HIS A 1 38 ? 2.674   -9.166  4.026   1.00 56.11  ? 150 HIS A CD2 1 
ATOM   283 C  CE1 . HIS A 1 38 ? 4.717   -9.895  4.350   1.00 63.20  ? 150 HIS A CE1 1 
ATOM   284 N  NE2 . HIS A 1 38 ? 3.583   -9.598  4.960   1.00 59.88  ? 150 HIS A NE2 1 
ATOM   285 N  N   . CYS A 1 39 ? 2.554   -6.247  -0.668  1.00 44.22  ? 151 CYS A N   1 
ATOM   286 C  CA  . CYS A 1 39 ? 1.824   -5.753  -1.835  1.00 42.78  ? 151 CYS A CA  1 
ATOM   287 C  C   . CYS A 1 39 ? 2.641   -4.758  -2.678  1.00 42.07  ? 151 CYS A C   1 
ATOM   288 O  O   . CYS A 1 39 ? 2.603   -4.803  -3.914  1.00 43.51  ? 151 CYS A O   1 
ATOM   289 C  CB  . CYS A 1 39 ? 0.499   -5.109  -1.398  1.00 40.02  ? 151 CYS A CB  1 
ATOM   290 S  SG  . CYS A 1 39 ? -0.791  -6.244  -0.748  1.00 40.65  ? 151 CYS A SG  1 
ATOM   291 N  N   . PHE A 1 40 ? 3.367   -3.861  -2.014  1.00 40.68  ? 152 PHE A N   1 
ATOM   292 C  CA  . PHE A 1 40 ? 4.172   -2.848  -2.706  1.00 40.31  ? 152 PHE A CA  1 
ATOM   293 C  C   . PHE A 1 40 ? 5.149   -3.469  -3.702  1.00 43.93  ? 152 PHE A C   1 
ATOM   294 O  O   . PHE A 1 40 ? 6.006   -4.281  -3.335  1.00 46.87  ? 152 PHE A O   1 
ATOM   295 C  CB  . PHE A 1 40 ? 4.925   -1.964  -1.706  1.00 39.08  ? 152 PHE A CB  1 
ATOM   296 C  CG  . PHE A 1 40 ? 5.788   -0.903  -2.352  1.00 38.79  ? 152 PHE A CG  1 
ATOM   297 C  CD1 . PHE A 1 40 ? 5.235   0.304   -2.778  1.00 36.79  ? 152 PHE A CD1 1 
ATOM   298 C  CD2 . PHE A 1 40 ? 7.157   -1.109  -2.524  1.00 41.07  ? 152 PHE A CD2 1 
ATOM   299 C  CE1 . PHE A 1 40 ? 6.035   1.293   -3.365  1.00 36.74  ? 152 PHE A CE1 1 
ATOM   300 C  CE2 . PHE A 1 40 ? 7.963   -0.133  -3.119  1.00 41.80  ? 152 PHE A CE2 1 
ATOM   301 C  CZ  . PHE A 1 40 ? 7.399   1.070   -3.539  1.00 39.50  ? 152 PHE A CZ  1 
ATOM   302 N  N   . ASN A 1 41 ? 5.001   -3.079  -4.964  1.00 44.51  ? 153 ASN A N   1 
ATOM   303 C  CA  . ASN A 1 41 ? 5.893   -3.528  -6.022  1.00 48.43  ? 153 ASN A CA  1 
ATOM   304 C  C   . ASN A 1 41 ? 6.744   -2.359  -6.523  1.00 47.96  ? 153 ASN A C   1 
ATOM   305 O  O   . ASN A 1 41 ? 6.215   -1.436  -7.140  1.00 46.26  ? 153 ASN A O   1 
ATOM   306 C  CB  . ASN A 1 41 ? 5.085   -4.147  -7.168  1.00 50.92  ? 153 ASN A CB  1 
ATOM   307 C  CG  . ASN A 1 41 ? 5.924   -5.051  -8.070  1.00 56.90  ? 153 ASN A CG  1 
ATOM   308 O  OD1 . ASN A 1 41 ? 5.393   -5.949  -8.722  1.00 60.55  ? 153 ASN A OD1 1 
ATOM   309 N  ND2 . ASN A 1 41 ? 7.230   -4.821  -8.108  1.00 59.01  ? 153 ASN A ND2 1 
ATOM   310 N  N   . PRO A 1 42 ? 8.068   -2.392  -6.251  1.00 50.06  ? 154 PRO A N   1 
ATOM   311 C  CA  . PRO A 1 42 ? 8.965   -1.323  -6.705  1.00 50.47  ? 154 PRO A CA  1 
ATOM   312 C  C   . PRO A 1 42 ? 8.890   -1.074  -8.214  1.00 52.73  ? 154 PRO A C   1 
ATOM   313 O  O   . PRO A 1 42 ? 9.127   0.050   -8.664  1.00 52.48  ? 154 PRO A O   1 
ATOM   314 C  CB  . PRO A 1 42 ? 10.361  -1.835  -6.312  1.00 54.26  ? 154 PRO A CB  1 
ATOM   315 C  CG  . PRO A 1 42 ? 10.185  -3.289  -6.014  1.00 56.90  ? 154 PRO A CG  1 
ATOM   316 C  CD  . PRO A 1 42 ? 8.798   -3.422  -5.493  1.00 52.77  ? 154 PRO A CD  1 
ATOM   317 N  N   . LYS A 1 43 ? 8.549   -2.113  -8.975  1.00 55.65  ? 155 LYS A N   1 
ATOM   318 C  CA  . LYS A 1 43 ? 8.405   -2.032  -10.434 1.00 58.83  ? 155 LYS A CA  1 
ATOM   319 C  C   . LYS A 1 43 ? 7.291   -1.076  -10.876 1.00 55.63  ? 155 LYS A C   1 
ATOM   320 O  O   . LYS A 1 43 ? 7.297   -0.588  -12.010 1.00 58.06  ? 155 LYS A O   1 
ATOM   321 C  CB  . LYS A 1 43 ? 8.166   -3.426  -11.027 1.00 63.50  ? 155 LYS A CB  1 
ATOM   322 C  CG  . LYS A 1 43 ? 9.379   -4.346  -10.953 1.00 69.13  ? 155 LYS A CG  1 
ATOM   323 C  CD  . LYS A 1 43 ? 9.123   -5.696  -11.618 1.00 74.89  ? 155 LYS A CD  1 
ATOM   324 C  CE  . LYS A 1 43 ? 8.497   -6.695  -10.656 1.00 74.41  ? 155 LYS A CE  1 
ATOM   325 N  NZ  . LYS A 1 43 ? 8.423   -8.060  -11.254 1.00 81.40  ? 155 LYS A NZ  1 
ATOM   326 N  N   . ASP A 1 44 ? 6.344   -0.826  -9.973  1.00 50.71  ? 156 ASP A N   1 
ATOM   327 C  CA  . ASP A 1 44 ? 5.224   0.080   -10.216 1.00 48.24  ? 156 ASP A CA  1 
ATOM   328 C  C   . ASP A 1 44 ? 5.610   1.542   -10.011 1.00 46.18  ? 156 ASP A C   1 
ATOM   329 O  O   . ASP A 1 44 ? 4.900   2.438   -10.472 1.00 45.96  ? 156 ASP A O   1 
ATOM   330 C  CB  . ASP A 1 44 ? 4.052   -0.242  -9.274  1.00 45.15  ? 156 ASP A CB  1 
ATOM   331 C  CG  . ASP A 1 44 ? 3.281   -1.498  -9.668  1.00 47.56  ? 156 ASP A CG  1 
ATOM   332 O  OD1 . ASP A 1 44 ? 3.134   -1.779  -10.876 1.00 52.35  ? 156 ASP A OD1 1 
ATOM   333 O  OD2 . ASP A 1 44 ? 2.794   -2.194  -8.752  1.00 45.39  ? 156 ASP A OD2 1 
ATOM   334 N  N   . HIS A 1 45 ? 6.722   1.779   -9.313  1.00 45.37  ? 157 HIS A N   1 
ATOM   335 C  CA  . HIS A 1 45 ? 7.055   3.115   -8.799  1.00 43.35  ? 157 HIS A CA  1 
ATOM   336 C  C   . HIS A 1 45 ? 8.497   3.580   -9.058  1.00 45.59  ? 157 HIS A C   1 
ATOM   337 O  O   . HIS A 1 45 ? 9.078   4.304   -8.240  1.00 44.55  ? 157 HIS A O   1 
ATOM   338 C  CB  . HIS A 1 45 ? 6.744   3.191   -7.298  1.00 40.17  ? 157 HIS A CB  1 
ATOM   339 C  CG  . HIS A 1 45 ? 5.411   2.619   -6.928  1.00 38.35  ? 157 HIS A CG  1 
ATOM   340 N  ND1 . HIS A 1 45 ? 4.230   3.308   -7.100  1.00 37.48  ? 157 HIS A ND1 1 
ATOM   341 C  CD2 . HIS A 1 45 ? 5.071   1.416   -6.408  1.00 37.75  ? 157 HIS A CD2 1 
ATOM   342 C  CE1 . HIS A 1 45 ? 3.220   2.555   -6.700  1.00 35.51  ? 157 HIS A CE1 1 
ATOM   343 N  NE2 . HIS A 1 45 ? 3.703   1.404   -6.273  1.00 36.37  ? 157 HIS A NE2 1 
ATOM   344 N  N   . VAL A 1 46 ? 9.060   3.184   -10.198 1.00 48.91  ? 158 VAL A N   1 
ATOM   345 C  CA  . VAL A 1 46 ? 10.412  3.601   -10.581 1.00 51.71  ? 158 VAL A CA  1 
ATOM   346 C  C   . VAL A 1 46 ? 10.490  5.124   -10.698 1.00 51.42  ? 158 VAL A C   1 
ATOM   347 O  O   . VAL A 1 46 ? 9.767   5.735   -11.488 1.00 51.98  ? 158 VAL A O   1 
ATOM   348 C  CB  . VAL A 1 46 ? 10.880  2.927   -11.900 1.00 56.97  ? 158 VAL A CB  1 
ATOM   349 C  CG1 . VAL A 1 46 ? 12.290  3.393   -12.287 1.00 60.76  ? 158 VAL A CG1 1 
ATOM   350 C  CG2 . VAL A 1 46 ? 10.823  1.403   -11.783 1.00 57.81  ? 158 VAL A CG2 1 
ATOM   351 N  N   . ASN A 1 47 ? 11.360  5.720   -9.882  1.00 50.98  ? 159 ASN A N   1 
ATOM   352 C  CA  . ASN A 1 47 ? 11.560  7.175   -9.822  1.00 51.48  ? 159 ASN A CA  1 
ATOM   353 C  C   . ASN A 1 47 ? 10.326  7.967   -9.358  1.00 48.70  ? 159 ASN A C   1 
ATOM   354 O  O   . ASN A 1 47 ? 10.262  9.184   -9.513  1.00 49.89  ? 159 ASN A O   1 
ATOM   355 C  CB  . ASN A 1 47 ? 12.119  7.719   -11.149 1.00 56.18  ? 159 ASN A CB  1 
ATOM   356 C  CG  . ASN A 1 47 ? 13.569  7.298   -11.401 1.00 60.40  ? 159 ASN A CG  1 
ATOM   357 O  OD1 . ASN A 1 47 ? 14.338  7.065   -10.465 1.00 60.18  ? 159 ASN A OD1 1 
ATOM   358 N  ND2 . ASN A 1 47 ? 13.946  7.210   -12.674 1.00 64.67  ? 159 ASN A ND2 1 
ATOM   359 N  N   . HIS A 1 48 ? 9.346   7.259   -8.799  1.00 45.72  ? 160 HIS A N   1 
ATOM   360 C  CA  . HIS A 1 48 ? 8.219   7.889   -8.112  1.00 43.82  ? 160 HIS A CA  1 
ATOM   361 C  C   . HIS A 1 48 ? 8.682   8.391   -6.744  1.00 42.84  ? 160 HIS A C   1 
ATOM   362 O  O   . HIS A 1 48 ? 9.740   7.990   -6.249  1.00 43.07  ? 160 HIS A O   1 
ATOM   363 C  CB  . HIS A 1 48 ? 7.052   6.899   -7.967  1.00 41.55  ? 160 HIS A CB  1 
ATOM   364 C  CG  . HIS A 1 48 ? 6.303   6.655   -9.243  1.00 43.30  ? 160 HIS A CG  1 
ATOM   365 N  ND1 . HIS A 1 48 ? 5.036   6.112   -9.272  1.00 42.68  ? 160 HIS A ND1 1 
ATOM   366 C  CD2 . HIS A 1 48 ? 6.634   6.900   -10.533 1.00 46.66  ? 160 HIS A CD2 1 
ATOM   367 C  CE1 . HIS A 1 48 ? 4.626   6.016   -10.524 1.00 45.22  ? 160 HIS A CE1 1 
ATOM   368 N  NE2 . HIS A 1 48 ? 5.574   6.492   -11.310 1.00 47.80  ? 160 HIS A NE2 1 
ATOM   369 N  N   . HIS A 1 49 ? 7.908   9.288   -6.147  1.00 42.72  ? 161 HIS A N   1 
ATOM   370 C  CA  . HIS A 1 49 ? 8.241   9.811   -4.830  1.00 43.06  ? 161 HIS A CA  1 
ATOM   371 C  C   . HIS A 1 49 ? 7.609   8.936   -3.750  1.00 40.47  ? 161 HIS A C   1 
ATOM   372 O  O   . HIS A 1 49 ? 6.531   9.238   -3.230  1.00 39.65  ? 161 HIS A O   1 
ATOM   373 C  CB  . HIS A 1 49 ? 7.817   11.274  -4.711  1.00 45.65  ? 161 HIS A CB  1 
ATOM   374 C  CG  . HIS A 1 49 ? 8.474   12.171  -5.713  1.00 49.17  ? 161 HIS A CG  1 
ATOM   375 N  ND1 . HIS A 1 49 ? 7.906   12.462  -6.936  1.00 51.42  ? 161 HIS A ND1 1 
ATOM   376 C  CD2 . HIS A 1 49 ? 9.659   12.823  -5.683  1.00 52.37  ? 161 HIS A CD2 1 
ATOM   377 C  CE1 . HIS A 1 49 ? 8.708   13.267  -7.609  1.00 55.07  ? 161 HIS A CE1 1 
ATOM   378 N  NE2 . HIS A 1 49 ? 9.779   13.502  -6.872  1.00 55.87  ? 161 HIS A NE2 1 
ATOM   379 N  N   . VAL A 1 50 ? 8.291   7.839   -3.438  1.00 40.22  ? 162 VAL A N   1 
ATOM   380 C  CA  . VAL A 1 50 ? 7.781   6.850   -2.488  1.00 39.12  ? 162 VAL A CA  1 
ATOM   381 C  C   . VAL A 1 50 ? 8.222   7.175   -1.064  1.00 40.70  ? 162 VAL A C   1 
ATOM   382 O  O   . VAL A 1 50 ? 9.407   7.414   -0.798  1.00 42.43  ? 162 VAL A O   1 
ATOM   383 C  CB  . VAL A 1 50 ? 8.180   5.405   -2.876  1.00 38.78  ? 162 VAL A CB  1 
ATOM   384 C  CG1 . VAL A 1 50 ? 7.618   4.379   -1.868  1.00 36.81  ? 162 VAL A CG1 1 
ATOM   385 C  CG2 . VAL A 1 50 ? 7.688   5.078   -4.277  1.00 38.76  ? 162 VAL A CG2 1 
ATOM   386 N  N   . CYS A 1 51 ? 7.246   7.199   -0.164  1.00 41.02  ? 163 CYS A N   1 
ATOM   387 C  CA  . CYS A 1 51 ? 7.488   7.433   1.247   1.00 43.22  ? 163 CYS A CA  1 
ATOM   388 C  C   . CYS A 1 51 ? 7.258   6.146   2.030   1.00 42.89  ? 163 CYS A C   1 
ATOM   389 O  O   . CYS A 1 51 ? 6.124   5.687   2.156   1.00 42.11  ? 163 CYS A O   1 
ATOM   390 C  CB  . CYS A 1 51 ? 6.567   8.540   1.766   1.00 44.51  ? 163 CYS A CB  1 
ATOM   391 S  SG  . CYS A 1 51 ? 6.473   8.655   3.579   1.00 47.27  ? 163 CYS A SG  1 
ATOM   392 N  N   . THR A 1 52 ? 8.329   5.542   2.532   1.00 44.87  ? 164 THR A N   1 
ATOM   393 C  CA  . THR A 1 52 ? 8.155   4.396   3.425   1.00 45.91  ? 164 THR A CA  1 
ATOM   394 C  C   . THR A 1 52 ? 8.393   4.728   4.895   1.00 48.83  ? 164 THR A C   1 
ATOM   395 O  O   . THR A 1 52 ? 9.504   5.085   5.306   1.00 51.70  ? 164 THR A O   1 
ATOM   396 C  CB  . THR A 1 52 ? 8.834   3.062   2.942   1.00 46.29  ? 164 THR A CB  1 
ATOM   397 O  OG1 . THR A 1 52 ? 9.122   2.214   4.065   1.00 49.49  ? 164 THR A OG1 1 
ATOM   398 C  CG2 . THR A 1 52 ? 10.082  3.297   2.152   1.00 47.71  ? 164 THR A CG2 1 
ATOM   399 N  N   . ASP A 1 53 ? 7.309   4.633   5.661   1.00 49.08  ? 165 ASP A N   1 
ATOM   400 C  CA  . ASP A 1 53 ? 7.288   4.974   7.076   1.00 52.59  ? 165 ASP A CA  1 
ATOM   401 C  C   . ASP A 1 53 ? 7.226   3.723   7.941   1.00 54.02  ? 165 ASP A C   1 
ATOM   402 O  O   . ASP A 1 53 ? 7.002   2.616   7.446   1.00 52.33  ? 165 ASP A O   1 
ATOM   403 C  CB  . ASP A 1 53 ? 6.072   5.853   7.390   1.00 53.04  ? 165 ASP A CB  1 
ATOM   404 C  CG  . ASP A 1 53 ? 6.285   7.310   7.029   1.00 54.88  ? 165 ASP A CG  1 
ATOM   405 O  OD1 . ASP A 1 53 ? 7.389   7.844   7.285   1.00 58.12  ? 165 ASP A OD1 1 
ATOM   406 O  OD2 . ASP A 1 53 ? 5.332   7.931   6.509   1.00 54.21  ? 165 ASP A OD2 1 
ATOM   407 N  N   . ILE A 1 54 ? 7.426   3.921   9.240   1.00 57.99  ? 166 ILE A N   1 
ATOM   408 C  CA  . ILE A 1 54 ? 7.231   2.883   10.234  1.00 60.58  ? 166 ILE A CA  1 
ATOM   409 C  C   . ILE A 1 54 ? 5.928   3.184   10.964  1.00 61.93  ? 166 ILE A C   1 
ATOM   410 O  O   . ILE A 1 54 ? 5.737   4.289   11.478  1.00 64.41  ? 166 ILE A O   1 
ATOM   411 C  CB  . ILE A 1 54 ? 8.430   2.821   11.225  1.00 65.54  ? 166 ILE A CB  1 
ATOM   412 C  CG1 . ILE A 1 54 ? 9.696   2.307   10.519  1.00 65.46  ? 166 ILE A CG1 1 
ATOM   413 C  CG2 . ILE A 1 54 ? 8.092   1.990   12.467  1.00 68.93  ? 166 ILE A CG2 1 
ATOM   414 C  CD1 . ILE A 1 54 ? 9.607   0.879   9.961   1.00 64.01  ? 166 ILE A CD1 1 
ATOM   415 N  N   . CYS A 1 55 ? 5.031   2.203   10.989  1.00 61.41  ? 167 CYS A N   1 
ATOM   416 C  CA  . CYS A 1 55 ? 3.735   2.347   11.647  1.00 63.31  ? 167 CYS A CA  1 
ATOM   417 C  C   . CYS A 1 55 ? 3.890   2.521   13.157  1.00 69.33  ? 167 CYS A C   1 
ATOM   418 O  O   . CYS A 1 55 ? 4.667   1.807   13.800  1.00 72.20  ? 167 CYS A O   1 
ATOM   419 C  CB  . CYS A 1 55 ? 2.840   1.146   11.327  1.00 61.46  ? 167 CYS A CB  1 
ATOM   420 S  SG  . CYS A 1 55 ? 1.230   1.153   12.145  1.00 64.31  ? 167 CYS A SG  1 
ATOM   421 N  N   . THR A 1 56 ? 3.159   3.487   13.709  1.00 72.25  ? 168 THR A N   1 
ATOM   422 C  CA  . THR A 1 56 ? 3.199   3.776   15.146  1.00 79.00  ? 168 THR A CA  1 
ATOM   423 C  C   . THR A 1 56 ? 1.824   3.545   15.775  1.00 81.67  ? 168 THR A C   1 
ATOM   424 O  O   . THR A 1 56 ? 0.901   3.073   15.109  1.00 78.34  ? 168 THR A O   1 
ATOM   425 C  CB  . THR A 1 56 ? 3.672   5.228   15.437  1.00 82.25  ? 168 THR A CB  1 
ATOM   426 O  OG1 . THR A 1 56 ? 2.677   6.162   14.999  1.00 82.01  ? 168 THR A OG1 1 
ATOM   427 C  CG2 . THR A 1 56 ? 4.998   5.530   14.737  1.00 80.09  ? 168 THR A CG2 1 
ATOM   428 N  N   . GLU A 1 57 ? 1.702   3.877   17.060  1.00 88.52  ? 169 GLU A N   1 
ATOM   429 C  CA  . GLU A 1 57 ? 0.431   3.807   17.783  1.00 92.72  ? 169 GLU A CA  1 
ATOM   430 C  C   . GLU A 1 57 ? -0.665  4.606   17.071  1.00 91.09  ? 169 GLU A C   1 
ATOM   431 O  O   . GLU A 1 57 ? -1.817  4.170   16.994  1.00 91.21  ? 169 GLU A O   1 
ATOM   432 C  CB  . GLU A 1 57 ? 0.620   4.323   19.214  1.00 101.27 ? 169 GLU A CB  1 
ATOM   433 C  CG  . GLU A 1 57 ? -0.608  4.216   20.112  1.00 107.19 ? 169 GLU A CG  1 
ATOM   434 C  CD  . GLU A 1 57 ? -0.524  5.124   21.326  1.00 116.34 ? 169 GLU A CD  1 
ATOM   435 O  OE1 . GLU A 1 57 ? -0.968  4.703   22.416  1.00 122.79 ? 169 GLU A OE1 1 
ATOM   436 O  OE2 . GLU A 1 57 ? -0.016  6.259   21.193  1.00 117.67 ? 169 GLU A OE2 1 
ATOM   437 N  N   . PHE A 1 58 ? -0.284  5.763   16.532  1.00 90.20  ? 170 PHE A N   1 
ATOM   438 C  CA  . PHE A 1 58 ? -1.224  6.710   15.939  1.00 90.12  ? 170 PHE A CA  1 
ATOM   439 C  C   . PHE A 1 58 ? -1.712  6.267   14.565  1.00 83.15  ? 170 PHE A C   1 
ATOM   440 O  O   . PHE A 1 58 ? -2.907  6.030   14.376  1.00 83.46  ? 170 PHE A O   1 
ATOM   441 C  CB  . PHE A 1 58 ? -0.600  8.110   15.861  1.00 92.77  ? 170 PHE A CB  1 
ATOM   442 C  CG  . PHE A 1 58 ? -0.139  8.647   17.191  1.00 100.58 ? 170 PHE A CG  1 
ATOM   443 C  CD1 . PHE A 1 58 ? 1.201   8.564   17.562  1.00 101.15 ? 170 PHE A CD1 1 
ATOM   444 C  CD2 . PHE A 1 58 ? -1.043  9.234   18.073  1.00 108.30 ? 170 PHE A CD2 1 
ATOM   445 C  CE1 . PHE A 1 58 ? 1.635   9.058   18.789  1.00 109.01 ? 170 PHE A CE1 1 
ATOM   446 C  CE2 . PHE A 1 58 ? -0.619  9.730   19.302  1.00 116.38 ? 170 PHE A CE2 1 
ATOM   447 C  CZ  . PHE A 1 58 ? 0.723   9.642   19.660  1.00 116.74 ? 170 PHE A CZ  1 
ATOM   448 N  N   . THR A 1 59 ? -0.779  6.146   13.621  1.00 77.42  ? 171 THR A N   1 
ATOM   449 C  CA  . THR A 1 59 ? -1.096  5.873   12.219  1.00 71.36  ? 171 THR A CA  1 
ATOM   450 C  C   . THR A 1 59 ? -1.512  4.419   11.982  1.00 67.83  ? 171 THR A C   1 
ATOM   451 O  O   . THR A 1 59 ? -0.797  3.656   11.326  1.00 63.74  ? 171 THR A O   1 
ATOM   452 C  CB  . THR A 1 59 ? 0.091   6.229   11.291  1.00 67.69  ? 171 THR A CB  1 
ATOM   453 O  OG1 . THR A 1 59 ? 1.252   5.487   11.689  1.00 67.56  ? 171 THR A OG1 1 
ATOM   454 C  CG2 . THR A 1 59 ? 0.398   7.723   11.346  1.00 71.15  ? 171 THR A CG2 1 
ATOM   455 N  N   . SER A 1 60 ? -2.675  4.048   12.512  1.00 69.89  ? 172 SER A N   1 
ATOM   456 C  CA  . SER A 1 60 ? -3.203  2.697   12.352  1.00 67.52  ? 172 SER A CA  1 
ATOM   457 C  C   . SER A 1 60 ? -4.206  2.603   11.203  1.00 64.17  ? 172 SER A C   1 
ATOM   458 O  O   . SER A 1 60 ? -5.145  3.401   11.114  1.00 66.85  ? 172 SER A O   1 
ATOM   459 C  CB  . SER A 1 60 ? -3.836  2.206   13.655  1.00 72.95  ? 172 SER A CB  1 
ATOM   460 O  OG  . SER A 1 60 ? -2.851  2.019   14.657  1.00 75.96  ? 172 SER A OG  1 
ATOM   461 N  N   . GLY A 1 61 ? -4.001  1.624   10.325  1.00 59.00  ? 173 GLY A N   1 
ATOM   462 C  CA  . GLY A 1 61 ? -4.913  1.394   9.209   1.00 55.38  ? 173 GLY A CA  1 
ATOM   463 C  C   . GLY A 1 61 ? -4.646  0.127   8.420   1.00 51.12  ? 173 GLY A C   1 
ATOM   464 O  O   . GLY A 1 61 ? -4.039  -0.817  8.928   1.00 51.33  ? 173 GLY A O   1 
ATOM   465 N  N   . ILE A 1 62 ? -5.099  0.116   7.167   1.00 47.72  ? 174 ILE A N   1 
ATOM   466 C  CA  . ILE A 1 62 ? -5.077  -1.088  6.337   1.00 44.70  ? 174 ILE A CA  1 
ATOM   467 C  C   . ILE A 1 62 ? -4.520  -0.827  4.936   1.00 40.97  ? 174 ILE A C   1 
ATOM   468 O  O   . ILE A 1 62 ? -4.556  0.297   4.435   1.00 39.99  ? 174 ILE A O   1 
ATOM   469 C  CB  . ILE A 1 62 ? -6.485  -1.744  6.217   1.00 46.85  ? 174 ILE A CB  1 
ATOM   470 C  CG1 . ILE A 1 62 ? -7.488  -0.770  5.589   1.00 47.84  ? 174 ILE A CG1 1 
ATOM   471 C  CG2 . ILE A 1 62 ? -6.975  -2.232  7.579   1.00 50.37  ? 174 ILE A CG2 1 
ATOM   472 C  CD1 . ILE A 1 62 ? -8.611  -1.437  4.826   1.00 50.44  ? 174 ILE A CD1 1 
ATOM   473 N  N   . CYS A 1 63 ? -4.012  -1.888  4.319   1.00 38.95  ? 175 CYS A N   1 
ATOM   474 C  CA  . CYS A 1 63 ? -3.448  -1.831  2.983   1.00 36.50  ? 175 CYS A CA  1 
ATOM   475 C  C   . CYS A 1 63 ? -4.552  -1.613  1.949   1.00 36.77  ? 175 CYS A C   1 
ATOM   476 O  O   . CYS A 1 63 ? -5.621  -2.224  2.032   1.00 37.63  ? 175 CYS A O   1 
ATOM   477 C  CB  . CYS A 1 63 ? -2.688  -3.120  2.689   1.00 36.68  ? 175 CYS A CB  1 
ATOM   478 S  SG  . CYS A 1 63 ? -2.013  -3.217  1.040   1.00 35.39  ? 175 CYS A SG  1 
ATOM   479 N  N   . ASP A 1 64 ? -4.274  -0.731  0.989   1.00 35.60  ? 176 ASP A N   1 
ATOM   480 C  CA  . ASP A 1 64 ? -5.246  -0.352  -0.043  1.00 37.23  ? 176 ASP A CA  1 
ATOM   481 C  C   . ASP A 1 64 ? -5.038  -1.053  -1.378  1.00 37.26  ? 176 ASP A C   1 
ATOM   482 O  O   . ASP A 1 64 ? -5.746  -0.762  -2.345  1.00 38.44  ? 176 ASP A O   1 
ATOM   483 C  CB  . ASP A 1 64 ? -5.259  1.169   -0.229  1.00 37.54  ? 176 ASP A CB  1 
ATOM   484 C  CG  . ASP A 1 64 ? -5.653  1.896   1.040   1.00 39.46  ? 176 ASP A CG  1 
ATOM   485 O  OD1 . ASP A 1 64 ? -6.714  1.564   1.594   1.00 42.17  ? 176 ASP A OD1 1 
ATOM   486 O  OD2 . ASP A 1 64 ? -4.898  2.777   1.493   1.00 39.55  ? 176 ASP A OD2 1 
ATOM   487 N  N   . CYS A 1 65 ? -4.076  -1.975  -1.432  1.00 37.00  ? 177 CYS A N   1 
ATOM   488 C  CA  . CYS A 1 65 ? -3.825  -2.734  -2.655  1.00 38.17  ? 177 CYS A CA  1 
ATOM   489 C  C   . CYS A 1 65 ? -5.090  -3.450  -3.115  1.00 40.79  ? 177 CYS A C   1 
ATOM   490 O  O   . CYS A 1 65 ? -5.760  -4.109  -2.322  1.00 41.39  ? 177 CYS A O   1 
ATOM   491 C  CB  . CYS A 1 65 ? -2.708  -3.746  -2.448  1.00 38.52  ? 177 CYS A CB  1 
ATOM   492 S  SG  . CYS A 1 65 ? -2.162  -4.559  -3.964  1.00 41.53  ? 177 CYS A SG  1 
ATOM   493 N  N   . GLY A 1 66 ? -5.418  -3.300  -4.396  1.00 42.52  ? 178 GLY A N   1 
ATOM   494 C  CA  . GLY A 1 66 ? -6.620  -3.913  -4.954  1.00 45.76  ? 178 GLY A CA  1 
ATOM   495 C  C   . GLY A 1 66 ? -7.880  -3.080  -4.799  1.00 47.29  ? 178 GLY A C   1 
ATOM   496 O  O   . GLY A 1 66 ? -8.924  -3.424  -5.356  1.00 50.46  ? 178 GLY A O   1 
ATOM   497 N  N   . ASP A 1 67 ? -7.797  -1.998  -4.027  1.00 45.88  ? 179 ASP A N   1 
ATOM   498 C  CA  . ASP A 1 67 ? -8.865  -1.003  -3.977  1.00 48.58  ? 179 ASP A CA  1 
ATOM   499 C  C   . ASP A 1 67 ? -8.550  0.045   -5.043  1.00 49.48  ? 179 ASP A C   1 
ATOM   500 O  O   . ASP A 1 67 ? -7.794  0.990   -4.801  1.00 47.59  ? 179 ASP A O   1 
ATOM   501 C  CB  . ASP A 1 67 ? -8.976  -0.367  -2.585  1.00 47.77  ? 179 ASP A CB  1 
ATOM   502 C  CG  . ASP A 1 67 ? -10.110 0.650   -2.483  1.00 52.01  ? 179 ASP A CG  1 
ATOM   503 O  OD1 . ASP A 1 67 ? -10.751 0.969   -3.510  1.00 55.31  ? 179 ASP A OD1 1 
ATOM   504 O  OD2 . ASP A 1 67 ? -10.364 1.137   -1.361  1.00 53.09  ? 179 ASP A OD2 1 
ATOM   505 N  N   . GLU A 1 68 ? -9.137  -0.136  -6.225  1.00 52.94  ? 180 GLU A N   1 
ATOM   506 C  CA  . GLU A 1 68 ? -8.809  0.690   -7.390  1.00 54.81  ? 180 GLU A CA  1 
ATOM   507 C  C   . GLU A 1 68 ? -9.142  2.176   -7.213  1.00 56.06  ? 180 GLU A C   1 
ATOM   508 O  O   . GLU A 1 68 ? -8.519  3.033   -7.847  1.00 56.47  ? 180 GLU A O   1 
ATOM   509 C  CB  . GLU A 1 68 ? -9.450  0.122   -8.664  1.00 59.34  ? 180 GLU A CB  1 
ATOM   510 C  CG  . GLU A 1 68 ? -8.850  -1.216  -9.135  1.00 60.71  ? 180 GLU A CG  1 
ATOM   511 C  CD  . GLU A 1 68 ? -7.326  -1.185  -9.290  1.00 60.44  ? 180 GLU A CD  1 
ATOM   512 O  OE1 . GLU A 1 68 ? -6.788  -0.250  -9.924  1.00 61.26  ? 180 GLU A OE1 1 
ATOM   513 O  OE2 . GLU A 1 68 ? -6.664  -2.113  -8.774  1.00 60.34  ? 180 GLU A OE2 1 
ATOM   514 N  N   . GLU A 1 69 ? -10.104 2.465   -6.338  1.00 57.34  ? 181 GLU A N   1 
ATOM   515 C  CA  . GLU A 1 69 ? -10.493 3.838   -6.007  1.00 59.84  ? 181 GLU A CA  1 
ATOM   516 C  C   . GLU A 1 69 ? -9.416  4.614   -5.241  1.00 56.62  ? 181 GLU A C   1 
ATOM   517 O  O   . GLU A 1 69 ? -9.451  5.847   -5.188  1.00 58.97  ? 181 GLU A O   1 
ATOM   518 C  CB  . GLU A 1 69 ? -11.806 3.845   -5.214  1.00 63.53  ? 181 GLU A CB  1 
ATOM   519 C  CG  . GLU A 1 69 ? -13.041 3.391   -6.013  1.00 69.23  ? 181 GLU A CG  1 
ATOM   520 C  CD  . GLU A 1 69 ? -13.535 4.428   -7.016  1.00 75.71  ? 181 GLU A CD  1 
ATOM   521 O  OE1 . GLU A 1 69 ? -14.770 4.574   -7.153  1.00 82.17  ? 181 GLU A OE1 1 
ATOM   522 O  OE2 . GLU A 1 69 ? -12.705 5.093   -7.674  1.00 75.64  ? 181 GLU A OE2 1 
ATOM   523 N  N   . ALA A 1 70 ? -8.465  3.890   -4.653  1.00 51.58  ? 182 ALA A N   1 
ATOM   524 C  CA  . ALA A 1 70 ? -7.391  4.502   -3.881  1.00 48.81  ? 182 ALA A CA  1 
ATOM   525 C  C   . ALA A 1 70 ? -6.160  4.852   -4.725  1.00 47.00  ? 182 ALA A C   1 
ATOM   526 O  O   . ALA A 1 70 ? -5.235  5.499   -4.232  1.00 45.72  ? 182 ALA A O   1 
ATOM   527 C  CB  . ALA A 1 70 ? -7.002  3.590   -2.713  1.00 45.74  ? 182 ALA A CB  1 
ATOM   528 N  N   . TRP A 1 71 ? -6.149  4.434   -5.991  1.00 47.64  ? 183 TRP A N   1 
ATOM   529 C  CA  . TRP A 1 71 ? -4.959  4.576   -6.836  1.00 46.47  ? 183 TRP A CA  1 
ATOM   530 C  C   . TRP A 1 71 ? -5.231  5.218   -8.198  1.00 50.51  ? 183 TRP A C   1 
ATOM   531 O  O   . TRP A 1 71 ? -6.291  5.011   -8.793  1.00 53.62  ? 183 TRP A O   1 
ATOM   532 C  CB  . TRP A 1 71 ? -4.258  3.219   -6.994  1.00 43.93  ? 183 TRP A CB  1 
ATOM   533 C  CG  . TRP A 1 71 ? -3.991  2.575   -5.668  1.00 40.95  ? 183 TRP A CG  1 
ATOM   534 C  CD1 . TRP A 1 71 ? -4.671  1.526   -5.112  1.00 40.72  ? 183 TRP A CD1 1 
ATOM   535 C  CD2 . TRP A 1 71 ? -3.012  2.974   -4.703  1.00 38.17  ? 183 TRP A CD2 1 
ATOM   536 N  NE1 . TRP A 1 71 ? -4.161  1.235   -3.868  1.00 38.26  ? 183 TRP A NE1 1 
ATOM   537 C  CE2 . TRP A 1 71 ? -3.142  2.108   -3.592  1.00 37.20  ? 183 TRP A CE2 1 
ATOM   538 C  CE3 . TRP A 1 71 ? -2.028  3.975   -4.672  1.00 37.54  ? 183 TRP A CE3 1 
ATOM   539 C  CZ2 . TRP A 1 71 ? -2.326  2.213   -2.460  1.00 35.94  ? 183 TRP A CZ2 1 
ATOM   540 C  CZ3 . TRP A 1 71 ? -1.214  4.079   -3.546  1.00 36.18  ? 183 TRP A CZ3 1 
ATOM   541 C  CH2 . TRP A 1 71 ? -1.369  3.203   -2.455  1.00 35.48  ? 183 TRP A CH2 1 
ATOM   542 N  N   . ASN A 1 72 ? -4.262  6.000   -8.674  1.00 50.81  ? 184 ASN A N   1 
ATOM   543 C  CA  . ASN A 1 72 ? -4.355  6.676   -9.971  1.00 55.30  ? 184 ASN A CA  1 
ATOM   544 C  C   . ASN A 1 72 ? -3.826  5.825   -11.124 1.00 56.28  ? 184 ASN A C   1 
ATOM   545 O  O   . ASN A 1 72 ? -4.136  6.085   -12.285 1.00 60.52  ? 184 ASN A O   1 
ATOM   546 C  CB  . ASN A 1 72 ? -3.607  8.016   -9.940  1.00 56.20  ? 184 ASN A CB  1 
ATOM   547 C  CG  . ASN A 1 72 ? -4.189  8.993   -8.933  1.00 57.18  ? 184 ASN A CG  1 
ATOM   548 O  OD1 . ASN A 1 72 ? -5.410  9.118   -8.798  1.00 59.66  ? 184 ASN A OD1 1 
ATOM   549 N  ND2 . ASN A 1 72 ? -3.314  9.699   -8.222  1.00 54.90  ? 184 ASN A ND2 1 
ATOM   550 N  N   . SER A 1 73 ? -3.008  4.828   -10.797 1.00 53.27  ? 185 SER A N   1 
ATOM   551 C  CA  . SER A 1 73 ? -2.475  3.902   -11.794 1.00 54.92  ? 185 SER A CA  1 
ATOM   552 C  C   . SER A 1 73 ? -2.822  2.462   -11.414 1.00 53.75  ? 185 SER A C   1 
ATOM   553 O  O   . SER A 1 73 ? -2.994  2.164   -10.226 1.00 50.54  ? 185 SER A O   1 
ATOM   554 C  CB  . SER A 1 73 ? -0.957  4.066   -11.926 1.00 53.86  ? 185 SER A CB  1 
ATOM   555 O  OG  . SER A 1 73 ? -0.628  5.291   -12.560 1.00 56.39  ? 185 SER A OG  1 
ATOM   556 N  N   . PRO A 1 74 ? -2.953  1.571   -12.419 1.00 57.15  ? 186 PRO A N   1 
ATOM   557 C  CA  . PRO A 1 74 ? -3.133  0.148   -12.122 1.00 56.89  ? 186 PRO A CA  1 
ATOM   558 C  C   . PRO A 1 74 ? -1.891  -0.421  -11.439 1.00 54.20  ? 186 PRO A C   1 
ATOM   559 O  O   . PRO A 1 74 ? -0.777  -0.275  -11.950 1.00 55.21  ? 186 PRO A O   1 
ATOM   560 C  CB  . PRO A 1 74 ? -3.331  -0.482  -13.507 1.00 62.23  ? 186 PRO A CB  1 
ATOM   561 C  CG  . PRO A 1 74 ? -2.712  0.488   -14.467 1.00 64.56  ? 186 PRO A CG  1 
ATOM   562 C  CD  . PRO A 1 74 ? -2.947  1.837   -13.872 1.00 62.09  ? 186 PRO A CD  1 
ATOM   563 N  N   . LEU A 1 75 ? -2.089  -1.033  -10.276 1.00 51.60  ? 187 LEU A N   1 
ATOM   564 C  CA  . LEU A 1 75 ? -0.995  -1.638  -9.526  1.00 49.97  ? 187 LEU A CA  1 
ATOM   565 C  C   . LEU A 1 75 ? -0.854  -3.124  -9.847  1.00 52.93  ? 187 LEU A C   1 
ATOM   566 O  O   . LEU A 1 75 ? -1.801  -3.760  -10.315 1.00 55.40  ? 187 LEU A O   1 
ATOM   567 C  CB  . LEU A 1 75 ? -1.189  -1.411  -8.018  1.00 46.13  ? 187 LEU A CB  1 
ATOM   568 C  CG  . LEU A 1 75 ? -0.478  -0.221  -7.350  1.00 44.23  ? 187 LEU A CG  1 
ATOM   569 C  CD1 . LEU A 1 75 ? -0.371  1.032   -8.231  1.00 45.22  ? 187 LEU A CD1 1 
ATOM   570 C  CD2 . LEU A 1 75 ? -1.128  0.124   -6.015  1.00 41.50  ? 187 LEU A CD2 1 
ATOM   571 N  N   . HIS A 1 76 ? 0.338   -3.664  -9.608  1.00 53.37  ? 188 HIS A N   1 
ATOM   572 C  CA  . HIS A 1 76 ? 0.593   -5.087  -9.797  1.00 57.26  ? 188 HIS A CA  1 
ATOM   573 C  C   . HIS A 1 76 ? 1.148   -5.680  -8.509  1.00 55.74  ? 188 HIS A C   1 
ATOM   574 O  O   . HIS A 1 76 ? 2.358   -5.629  -8.263  1.00 56.04  ? 188 HIS A O   1 
ATOM   575 C  CB  . HIS A 1 76 ? 1.556   -5.313  -10.964 1.00 61.84  ? 188 HIS A CB  1 
ATOM   576 C  CG  . HIS A 1 76 ? 1.150   -4.607  -12.221 1.00 64.19  ? 188 HIS A CG  1 
ATOM   577 N  ND1 . HIS A 1 76 ? 1.597   -3.344  -12.540 1.00 62.81  ? 188 HIS A ND1 1 
ATOM   578 C  CD2 . HIS A 1 76 ? 0.328   -4.982  -13.228 1.00 68.96  ? 188 HIS A CD2 1 
ATOM   579 C  CE1 . HIS A 1 76 ? 1.073   -2.973  -13.695 1.00 66.51  ? 188 HIS A CE1 1 
ATOM   580 N  NE2 . HIS A 1 76 ? 0.300   -3.950  -14.134 1.00 70.28  ? 188 HIS A NE2 1 
ATOM   581 N  N   . CYS A 1 77 ? 0.244   -6.228  -7.695  1.00 54.54  ? 189 CYS A N   1 
ATOM   582 C  CA  . CYS A 1 77 ? 0.549   -6.784  -6.375  1.00 53.80  ? 189 CYS A CA  1 
ATOM   583 C  C   . CYS A 1 77 ? 1.830   -7.621  -6.381  1.00 57.74  ? 189 CYS A C   1 
ATOM   584 O  O   . CYS A 1 77 ? 1.986   -8.517  -7.217  1.00 62.65  ? 189 CYS A O   1 
ATOM   585 C  CB  . CYS A 1 77 ? -0.637  -7.632  -5.880  1.00 54.70  ? 189 CYS A CB  1 
ATOM   586 S  SG  . CYS A 1 77 ? -0.731  -7.903  -4.086  1.00 51.79  ? 189 CYS A SG  1 
ATOM   587 N  N   . LYS A 1 78 ? 2.742   -7.319  -5.457  1.00 56.45  ? 190 LYS A N   1 
ATOM   588 C  CA  . LYS A 1 78 ? 3.987   -8.083  -5.321  1.00 61.09  ? 190 LYS A CA  1 
ATOM   589 C  C   . LYS A 1 78 ? 3.742   -9.518  -4.832  1.00 65.54  ? 190 LYS A C   1 
ATOM   590 O  O   . LYS A 1 78 ? 4.448   -10.443 -5.240  1.00 71.37  ? 190 LYS A O   1 
ATOM   591 C  CB  . LYS A 1 78 ? 4.985   -7.370  -4.402  1.00 58.73  ? 190 LYS A CB  1 
ATOM   592 C  CG  . LYS A 1 78 ? 6.434   -7.851  -4.577  1.00 63.96  ? 190 LYS A CG  1 
ATOM   593 C  CD  . LYS A 1 78 ? 7.352   -7.356  -3.462  1.00 62.98  ? 190 LYS A CD  1 
ATOM   594 C  CE  . LYS A 1 78 ? 7.318   -8.272  -2.243  1.00 66.11  ? 190 LYS A CE  1 
ATOM   595 N  NZ  . LYS A 1 78 ? 8.141   -9.504  -2.432  1.00 74.23  ? 190 LYS A NZ  1 
ATOM   596 N  N   . ALA A 1 79 ? 2.744   -9.696  -3.966  1.00 63.91  ? 191 ALA A N   1 
ATOM   597 C  CA  . ALA A 1 79 ? 2.351   -11.027 -3.486  1.00 68.59  ? 191 ALA A CA  1 
ATOM   598 C  C   . ALA A 1 79 ? 1.935   -11.941 -4.639  1.00 73.97  ? 191 ALA A C   1 
ATOM   599 O  O   . ALA A 1 79 ? 2.133   -13.155 -4.583  1.00 79.97  ? 191 ALA A O   1 
ATOM   600 C  CB  . ALA A 1 79 ? 1.230   -10.917 -2.465  1.00 65.49  ? 191 ALA A CB  1 
ATOM   601 N  N   . GLU A 1 80 ? 1.377   -11.335 -5.687  1.00 72.81  ? 192 GLU A N   1 
ATOM   602 C  CA  . GLU A 1 80 ? 0.931   -12.040 -6.888  1.00 78.22  ? 192 GLU A CA  1 
ATOM   603 C  C   . GLU A 1 80 ? 2.110   -12.535 -7.743  1.00 84.33  ? 192 GLU A C   1 
ATOM   604 O  O   . GLU A 1 80 ? 1.913   -13.222 -8.751  1.00 90.26  ? 192 GLU A O   1 
ATOM   605 C  CB  . GLU A 1 80 ? 0.015   -11.121 -7.706  1.00 75.09  ? 192 GLU A CB  1 
ATOM   606 C  CG  . GLU A 1 80 ? -1.028  -11.829 -8.562  1.00 80.16  ? 192 GLU A CG  1 
ATOM   607 C  CD  . GLU A 1 80 ? -2.251  -12.299 -7.779  1.00 80.11  ? 192 GLU A CD  1 
ATOM   608 O  OE1 . GLU A 1 80 ? -2.395  -11.957 -6.583  1.00 76.12  ? 192 GLU A OE1 1 
ATOM   609 O  OE2 . GLU A 1 80 ? -3.079  -13.016 -8.375  1.00 84.76  ? 192 GLU A OE2 1 
ATOM   610 N  N   . GLU A 1 81 ? 3.330   -12.187 -7.333  1.00 83.90  ? 193 GLU A N   1 
ATOM   611 C  CA  . GLU A 1 81 ? 4.544   -12.643 -8.012  1.00 90.42  ? 193 GLU A CA  1 
ATOM   612 C  C   . GLU A 1 81 ? 5.246   -13.740 -7.217  1.00 95.86  ? 193 GLU A C   1 
ATOM   613 O  O   . GLU A 1 81 ? 4.609   -14.664 -6.713  1.00 98.36  ? 193 GLU A O   1 
ATOM   614 C  CB  . GLU A 1 81 ? 5.505   -11.473 -8.251  1.00 87.26  ? 193 GLU A CB  1 
ATOM   615 C  CG  . GLU A 1 81 ? 5.009   -10.453 -9.270  1.00 84.37  ? 193 GLU A CG  1 
ATOM   616 C  CD  . GLU A 1 81 ? 5.975   -9.295  -9.483  1.00 82.22  ? 193 GLU A CD  1 
ATOM   617 O  OE1 . GLU A 1 81 ? 5.641   -8.398  -10.286 1.00 80.94  ? 193 GLU A OE1 1 
ATOM   618 O  OE2 . GLU A 1 81 ? 7.062   -9.275  -8.862  1.00 83.51  ? 193 GLU A OE2 1 
ATOM   619 N  N   . LYS B 2 1  ? -6.836  2.206   4.118   1.00 69.58  ? 1   LYS B N   1 
ATOM   620 C  CA  . LYS B 2 1  ? -6.364  3.602   4.347   1.00 69.63  ? 1   LYS B CA  1 
ATOM   621 C  C   . LYS B 2 1  ? -5.710  3.730   5.715   1.00 69.77  ? 1   LYS B C   1 
ATOM   622 O  O   . LYS B 2 1  ? -5.832  2.836   6.549   1.00 69.73  ? 1   LYS B O   1 
ATOM   623 C  CB  . LYS B 2 1  ? -7.527  4.594   4.225   1.00 69.57  ? 1   LYS B CB  1 
ATOM   624 C  CG  . LYS B 2 1  ? -8.327  4.493   2.930   1.00 69.38  ? 1   LYS B CG  1 
ATOM   625 C  CD  . LYS B 2 1  ? -7.563  5.037   1.732   1.00 68.73  ? 1   LYS B CD  1 
ATOM   626 C  CE  . LYS B 2 1  ? -8.415  4.993   0.474   1.00 68.60  ? 1   LYS B CE  1 
ATOM   627 N  NZ  . LYS B 2 1  ? -9.534  5.974   0.514   1.00 68.55  ? 1   LYS B NZ  1 
ATOM   628 N  N   . ILE B 2 2  ? -5.011  4.842   5.931   1.00 70.01  ? 2   ILE B N   1 
ATOM   629 C  CA  . ILE B 2 2  ? -4.385  5.131   7.218   1.00 70.34  ? 2   ILE B CA  1 
ATOM   630 C  C   . ILE B 2 2  ? -5.205  6.153   8.002   1.00 70.53  ? 2   ILE B C   1 
ATOM   631 O  O   . ILE B 2 2  ? -5.569  7.208   7.475   1.00 70.63  ? 2   ILE B O   1 
ATOM   632 C  CB  . ILE B 2 2  ? -2.904  5.595   7.050   1.00 70.35  ? 2   ILE B CB  1 
ATOM   633 C  CG1 . ILE B 2 2  ? -1.971  4.385   6.872   1.00 70.36  ? 2   ILE B CG1 1 
ATOM   634 C  CG2 . ILE B 2 2  ? -2.439  6.481   8.217   1.00 70.46  ? 2   ILE B CG2 1 
ATOM   635 C  CD1 . ILE B 2 2  ? -1.973  3.368   8.015   1.00 70.48  ? 2   ILE B CD1 1 
ATOM   636 N  N   . ALA B 2 3  ? -5.503  5.816   9.256   1.00 70.71  ? 3   ALA B N   1 
ATOM   637 C  CA  . ALA B 2 3  ? -6.236  6.703   10.155  1.00 70.82  ? 3   ALA B CA  1 
ATOM   638 C  C   . ALA B 2 3  ? -5.319  7.266   11.239  1.00 70.87  ? 3   ALA B C   1 
ATOM   639 O  O   . ALA B 2 3  ? -4.170  7.627   10.974  1.00 70.95  ? 3   ALA B O   1 
ATOM   640 C  CB  . ALA B 2 3  ? -7.417  5.972   10.779  1.00 70.79  ? 3   ALA B CB  1 
HETATM 641 ZN ZN  . ZN  C 3 .  ? -1.319  -5.422  1.161   1.00 35.45  ? 1   ZN  A ZN  1 
HETATM 642 ZN ZN  . ZN  D 3 .  ? -1.665  -6.677  -2.848  1.00 43.00  ? 2   ZN  A ZN  1 
HETATM 643 ZN ZN  . ZN  E 3 .  ? 3.888   5.208   -7.628  1.00 38.73  ? 3   ZN  A ZN  1 
HETATM 644 O  O   . HOH F 4 .  ? 5.597   10.743  -1.164  1.00 41.72  ? 4   HOH A O   1 
HETATM 645 O  O   . HOH F 4 .  ? -9.103  0.095   1.014   1.00 46.26  ? 5   HOH A O   1 
HETATM 646 O  O   . HOH F 4 .  ? 6.906   15.856  -9.563  1.00 54.05  ? 6   HOH A O   1 
HETATM 647 O  O   . HOH F 4 .  ? 2.302   2.735   -10.679 1.00 50.77  ? 7   HOH A O   1 
HETATM 648 O  O   . HOH F 4 .  ? -0.020  6.660   -1.695  1.00 30.56  ? 8   HOH A O   1 
HETATM 649 O  O   . HOH F 4 .  ? -0.682  11.094  -3.304  1.00 39.00  ? 9   HOH A O   1 
HETATM 650 O  O   . HOH F 4 .  ? 16.660  5.736   -9.617  1.00 60.17  ? 10  HOH A O   1 
HETATM 651 O  O   . HOH F 4 .  ? 11.665  11.101  -11.149 1.00 46.26  ? 11  HOH A O   1 
HETATM 652 O  O   . HOH F 4 .  ? 4.905   14.059  -9.963  1.00 55.26  ? 12  HOH A O   1 
HETATM 653 O  O   . HOH F 4 .  ? 3.962   -3.739  5.848   1.00 34.55  ? 13  HOH A O   1 
HETATM 654 O  O   . HOH F 4 .  ? -8.186  -2.362  1.280   1.00 32.67  ? 14  HOH A O   1 
HETATM 655 O  O   . HOH F 4 .  ? 12.715  3.929   -7.854  1.00 55.15  ? 15  HOH A O   1 
HETATM 656 O  O   . HOH F 4 .  ? -2.579  -6.365  -9.142  1.00 58.88  ? 16  HOH A O   1 
HETATM 657 O  O   . HOH F 4 .  ? -9.346  7.755   3.852   1.00 74.45  ? 17  HOH A O   1 
HETATM 658 O  O   . HOH F 4 .  ? 8.894   10.347  7.205   1.00 50.62  ? 18  HOH A O   1 
HETATM 659 O  O   . HOH F 4 .  ? 3.970   4.686   18.889  1.00 60.05  ? 19  HOH A O   1 
HETATM 660 O  O   . HOH F 4 .  ? -3.083  -0.526  11.623  1.00 74.22  ? 20  HOH A O   1 
HETATM 661 O  O   . HOH F 4 .  ? 0.302   -13.103 7.824   1.00 69.20  ? 21  HOH A O   1 
HETATM 662 O  O   . HOH F 4 .  ? -0.102  -7.019  9.624   1.00 58.23  ? 22  HOH A O   1 
HETATM 663 O  O   . HOH F 4 .  ? 7.610   2.115   -12.504 1.00 46.99  ? 195 HOH A O   1 
HETATM 664 O  O   . HOH F 4 .  ? 0.767   -3.130  -5.094  1.00 31.86  ? 196 HOH A O   1 
HETATM 665 O  O   . HOH F 4 .  ? 2.554   -1.416  -6.255  1.00 36.17  ? 197 HOH A O   1 
# 
